data_7EE6
#
_entry.id   7EE6
#
_cell.length_a   115.997
_cell.length_b   184.170
_cell.length_c   68.838
_cell.angle_alpha   90.000
_cell.angle_beta   90.000
_cell.angle_gamma   90.000
#
_symmetry.space_group_name_H-M   'P 21 21 2'
#
loop_
_entity.id
_entity.type
_entity.pdbx_description
1 polymer 'Subtilase cytotoxin subunit B-like protein'
2 polymer 'Cytolethal distending toxin subunit B family protein'
3 polymer 'Pertussis-like toxin subunit ArtA'
4 non-polymer DI(HYDROXYETHYL)ETHER
5 non-polymer ACETONE
6 non-polymer GLYCEROL
7 non-polymer 'CITRATE ANION'
8 water water
#
loop_
_entity_poly.entity_id
_entity_poly.type
_entity_poly.pdbx_seq_one_letter_code
_entity_poly.pdbx_strand_id
1 'polypeptide(L)'
;AMADYDTYVSNVQINNLSYGVYTSGGKETQFFCIGLKHGSEAISINAMCKVDVYGNHKQGFDNMLNTAKYYYTTGGDVRI
YYKENVWRDPDFKSAFSSRELIAITTCSSSSYCMGPTVTN
;
A,B,C,D,E
2 'polypeptide(L)'
;NISDYKVMTWNLQGSSASTESKWNVNVRQLLSGTAGVDILMVQEAGAVPTSAVPTGRHIQPFGVGIPIDEYTWNLGTTSR
QDIRYIYHSAIDVGARRVNLAIVSRQRADNVYVLRPTTVASRPVIGIGLGNDVFLTAHALASGGPDAAAIVRVTINFFRQ
PQMRHLSWFLAGDFNRSPDRLENDLMTEHLERVVAVLAPTEPTQIGGGILDYGVIVDRAPYSQRVEALRNPQLASDHYPV
AFLARSCL
;
F
3 'polypeptide(L)'
;VDFVYRVDSTPPDVIFRDGFSLLGYNRNFQQFISGRSCSGGSSDSRYIATTSSVNQTYAIARAYYSRSTFKGNLYRYQIR
ADNNFYSLLPSITYLETQGGHFNAYEKTMMRLQREYVSTLSILPENIQKAVALVYDSATGLVKDGVSTMNASYLGLSTTS
NPGVIPFLPEPQTYTQQRIDAFGPLISSCFSIGSVCHSHRGQRADVYNMSFYDARPVIELILSK
;
G
#
loop_
_chem_comp.id
_chem_comp.type
_chem_comp.name
_chem_comp.formula
ACN non-polymer ACETONE 'C3 H6 O'
FLC non-polymer 'CITRATE ANION' 'C6 H5 O7 -3'
GOL non-polymer GLYCEROL 'C3 H8 O3'
PEG non-polymer DI(HYDROXYETHYL)ETHER 'C4 H10 O3'
#
# COMPACT_ATOMS: atom_id res chain seq x y z
N ALA A 1 1.83 14.66 -40.62
CA ALA A 1 1.55 13.33 -41.13
C ALA A 1 0.19 12.81 -40.65
N MET A 2 0.07 12.41 -39.39
CA MET A 2 -1.22 11.94 -38.87
C MET A 2 -2.18 13.11 -38.74
N ALA A 3 -3.30 13.05 -39.46
CA ALA A 3 -4.29 14.12 -39.40
C ALA A 3 -4.84 14.30 -37.98
N ASP A 4 -4.92 15.56 -37.56
CA ASP A 4 -5.35 16.00 -36.23
C ASP A 4 -4.32 15.70 -35.14
N TYR A 5 -3.08 15.37 -35.53
CA TYR A 5 -2.00 15.17 -34.57
C TYR A 5 -0.90 16.21 -34.69
N ASP A 6 -1.17 17.33 -35.39
CA ASP A 6 -0.17 18.37 -35.63
C ASP A 6 -0.01 19.34 -34.47
N THR A 7 -0.97 19.41 -33.55
CA THR A 7 -0.93 20.38 -32.46
C THR A 7 -0.99 19.65 -31.13
N TYR A 8 0.04 19.85 -30.31
CA TYR A 8 0.15 19.19 -29.03
C TYR A 8 0.90 20.09 -28.06
N VAL A 9 0.77 19.79 -26.76
CA VAL A 9 1.58 20.39 -25.70
C VAL A 9 2.15 19.27 -24.84
N SER A 10 3.46 19.34 -24.56
CA SER A 10 4.23 18.23 -24.02
C SER A 10 4.64 18.50 -22.59
N ASN A 11 4.80 17.43 -21.82
CA ASN A 11 5.30 17.51 -20.45
C ASN A 11 4.44 18.43 -19.59
N VAL A 12 3.14 18.22 -19.65
CA VAL A 12 2.20 18.92 -18.81
C VAL A 12 1.61 17.91 -17.82
N GLN A 13 0.85 18.43 -16.85
CA GLN A 13 0.13 17.61 -15.90
C GLN A 13 -1.32 18.03 -15.95
N ILE A 14 -2.23 17.07 -15.81
CA ILE A 14 -3.64 17.40 -15.74
C ILE A 14 -3.95 17.74 -14.30
N ASN A 15 -4.24 19.02 -14.02
CA ASN A 15 -4.47 19.47 -12.65
C ASN A 15 -5.90 19.93 -12.41
N ASN A 16 -6.80 19.78 -13.38
CA ASN A 16 -8.23 20.11 -13.19
C ASN A 16 -9.06 19.17 -14.10
N LEU A 17 -10.31 18.95 -13.76
CA LEU A 17 -11.17 18.00 -14.51
C LEU A 17 -12.60 18.47 -14.42
N SER A 18 -13.37 18.29 -15.49
CA SER A 18 -14.78 18.68 -15.47
C SER A 18 -15.60 17.64 -16.22
N TYR A 19 -16.64 17.11 -15.59
CA TYR A 19 -17.54 16.22 -16.30
C TYR A 19 -18.96 16.69 -16.07
N GLY A 20 -19.76 16.71 -17.15
CA GLY A 20 -21.11 17.23 -17.06
C GLY A 20 -22.01 16.73 -18.17
N VAL A 21 -23.31 16.92 -17.95
CA VAL A 21 -24.34 16.66 -18.95
C VAL A 21 -24.93 18.01 -19.34
N TYR A 22 -25.23 18.20 -20.61
CA TYR A 22 -25.52 19.54 -21.08
C TYR A 22 -26.32 19.46 -22.39
N THR A 23 -27.25 20.40 -22.55
CA THR A 23 -28.01 20.53 -23.79
C THR A 23 -27.33 21.54 -24.70
N SER A 24 -27.06 21.14 -25.94
CA SER A 24 -26.41 22.03 -26.91
C SER A 24 -26.95 21.74 -28.31
N GLY A 25 -27.39 22.78 -29.01
CA GLY A 25 -28.00 22.65 -30.34
C GLY A 25 -29.18 21.71 -30.43
N GLY A 26 -30.03 21.68 -29.40
CA GLY A 26 -31.16 20.75 -29.37
C GLY A 26 -30.79 19.31 -29.14
N LYS A 27 -29.56 19.03 -28.75
CA LYS A 27 -29.08 17.68 -28.54
C LYS A 27 -28.59 17.54 -27.11
N GLU A 28 -28.81 16.37 -26.53
CA GLU A 28 -28.41 16.03 -25.17
C GLU A 28 -27.00 15.45 -25.18
N THR A 29 -26.04 16.19 -24.65
CA THR A 29 -24.64 15.78 -24.68
C THR A 29 -24.14 15.38 -23.30
N GLN A 30 -23.04 14.61 -23.31
CA GLN A 30 -22.07 14.58 -22.23
C GLN A 30 -20.80 15.25 -22.70
N PHE A 31 -20.06 15.86 -21.77
CA PHE A 31 -18.75 16.39 -22.08
C PHE A 31 -17.85 16.21 -20.86
N PHE A 32 -16.55 16.23 -21.12
CA PHE A 32 -15.58 16.41 -20.06
C PHE A 32 -14.46 17.30 -20.60
N CYS A 33 -13.77 17.96 -19.67
CA CYS A 33 -12.67 18.85 -20.02
C CYS A 33 -11.53 18.61 -19.05
N ILE A 34 -10.32 18.82 -19.55
CA ILE A 34 -9.14 18.73 -18.71
C ILE A 34 -8.51 20.11 -18.60
N GLY A 35 -7.93 20.37 -17.44
CA GLY A 35 -7.13 21.56 -17.20
C GLY A 35 -5.67 21.15 -17.03
N LEU A 36 -4.76 21.99 -17.49
CA LEU A 36 -3.35 21.68 -17.57
C LEU A 36 -2.54 22.70 -16.79
N LYS A 37 -1.42 22.22 -16.26
CA LYS A 37 -0.33 23.06 -15.81
C LYS A 37 0.96 22.46 -16.33
N HIS A 38 2.03 23.26 -16.25
CA HIS A 38 3.39 22.89 -16.62
C HIS A 38 4.26 23.02 -15.37
N GLY A 39 4.26 21.99 -14.54
CA GLY A 39 4.91 22.05 -13.24
C GLY A 39 4.23 23.05 -12.31
N SER A 40 4.97 24.04 -11.85
CA SER A 40 4.41 25.11 -11.02
C SER A 40 3.93 26.29 -11.86
N GLU A 41 4.04 26.20 -13.16
CA GLU A 41 3.77 27.31 -14.08
C GLU A 41 2.36 27.15 -14.65
N ALA A 42 1.65 28.26 -14.77
CA ALA A 42 0.40 28.28 -15.52
C ALA A 42 0.71 28.56 -16.99
N ILE A 43 -0.03 27.91 -17.88
CA ILE A 43 0.14 28.08 -19.33
C ILE A 43 -1.15 28.62 -19.91
N SER A 44 -1.04 29.30 -21.05
CA SER A 44 -2.21 29.96 -21.63
C SER A 44 -3.19 28.94 -22.21
N ILE A 45 -2.68 27.96 -22.97
CA ILE A 45 -3.54 26.91 -23.54
C ILE A 45 -3.60 25.77 -22.53
N ASN A 46 -4.59 25.83 -21.64
CA ASN A 46 -4.62 24.94 -20.49
C ASN A 46 -5.97 24.24 -20.32
N ALA A 47 -6.78 24.17 -21.37
CA ALA A 47 -8.05 23.46 -21.33
C ALA A 47 -8.41 22.97 -22.73
N MET A 48 -9.03 21.80 -22.76
CA MET A 48 -9.52 21.14 -23.96
C MET A 48 -10.51 20.07 -23.54
N CYS A 49 -11.52 19.86 -24.39
CA CYS A 49 -12.72 19.13 -24.03
C CYS A 49 -13.01 18.07 -25.08
N LYS A 50 -13.93 17.15 -24.71
CA LYS A 50 -14.45 16.14 -25.60
C LYS A 50 -15.95 15.98 -25.33
N VAL A 51 -16.74 15.88 -26.40
CA VAL A 51 -18.20 15.80 -26.31
C VAL A 51 -18.64 14.48 -26.94
N ASP A 52 -19.68 13.85 -26.38
CA ASP A 52 -19.97 12.50 -26.88
C ASP A 52 -20.68 12.53 -28.23
N VAL A 53 -21.52 13.51 -28.51
CA VAL A 53 -22.30 13.55 -29.74
C VAL A 53 -21.92 14.73 -30.62
N TYR A 54 -20.74 15.31 -30.41
CA TYR A 54 -20.24 16.43 -31.19
C TYR A 54 -18.73 16.29 -31.35
N GLY A 55 -18.19 17.06 -32.27
CA GLY A 55 -16.75 17.14 -32.49
C GLY A 55 -16.32 16.39 -33.75
N ASN A 56 -15.01 16.51 -34.02
CA ASN A 56 -14.41 15.82 -35.16
C ASN A 56 -14.33 14.32 -34.95
N HIS A 57 -14.20 13.85 -33.70
CA HIS A 57 -14.13 12.42 -33.40
C HIS A 57 -15.03 12.15 -32.21
N LYS A 58 -16.20 11.57 -32.47
CA LYS A 58 -17.17 11.29 -31.40
C LYS A 58 -16.82 10.03 -30.64
N GLN A 59 -16.07 9.12 -31.26
CA GLN A 59 -15.76 7.86 -30.62
C GLN A 59 -14.79 8.07 -29.46
N GLY A 60 -14.82 7.12 -28.52
CA GLY A 60 -13.81 7.08 -27.49
C GLY A 60 -14.11 7.94 -26.29
N PHE A 61 -15.38 8.33 -26.11
CA PHE A 61 -15.71 9.25 -25.04
C PHE A 61 -15.38 8.66 -23.68
N ASP A 62 -15.86 7.43 -23.42
CA ASP A 62 -15.62 6.79 -22.13
C ASP A 62 -14.13 6.53 -21.91
N ASN A 63 -13.44 6.03 -22.94
CA ASN A 63 -12.03 5.69 -22.76
C ASN A 63 -11.20 6.94 -22.51
N MET A 64 -11.45 8.03 -23.27
CA MET A 64 -10.72 9.26 -23.03
C MET A 64 -11.08 9.86 -21.67
N LEU A 65 -12.35 9.77 -21.27
N LEU A 65 -12.35 9.74 -21.25
CA LEU A 65 -12.76 10.22 -19.95
CA LEU A 65 -12.75 10.23 -19.95
C LEU A 65 -11.95 9.52 -18.87
C LEU A 65 -11.99 9.52 -18.84
N ASN A 66 -11.95 8.18 -18.88
CA ASN A 66 -11.25 7.43 -17.85
C ASN A 66 -9.74 7.65 -17.91
N THR A 67 -9.20 7.80 -19.11
CA THR A 67 -7.78 8.11 -19.24
C THR A 67 -7.45 9.47 -18.63
N ALA A 68 -8.25 10.51 -18.93
CA ALA A 68 -8.04 11.81 -18.28
C ALA A 68 -8.12 11.68 -16.76
N LYS A 69 -9.12 10.96 -16.27
CA LYS A 69 -9.27 10.78 -14.83
C LYS A 69 -8.05 10.10 -14.22
N TYR A 70 -7.51 9.09 -14.89
CA TYR A 70 -6.31 8.41 -14.42
C TYR A 70 -5.13 9.36 -14.29
N TYR A 71 -4.82 10.11 -15.35
CA TYR A 71 -3.64 10.98 -15.27
C TYR A 71 -3.86 12.13 -14.29
N TYR A 72 -5.11 12.56 -14.09
CA TYR A 72 -5.38 13.53 -13.04
C TYR A 72 -5.05 12.96 -11.67
N THR A 73 -5.33 11.67 -11.48
CA THR A 73 -5.01 11.01 -10.21
C THR A 73 -3.51 10.88 -10.02
N THR A 74 -2.80 10.34 -11.01
CA THR A 74 -1.37 10.10 -10.85
C THR A 74 -0.58 11.40 -10.83
N GLY A 75 -1.09 12.46 -11.45
CA GLY A 75 -0.29 13.65 -11.64
C GLY A 75 0.86 13.49 -12.61
N GLY A 76 0.86 12.41 -13.41
CA GLY A 76 2.01 12.12 -14.25
C GLY A 76 2.18 13.08 -15.41
N ASP A 77 3.39 13.08 -15.98
CA ASP A 77 3.70 13.91 -17.14
C ASP A 77 3.13 13.30 -18.40
N VAL A 78 2.41 14.11 -19.17
CA VAL A 78 1.73 13.64 -20.38
C VAL A 78 1.88 14.69 -21.48
N ARG A 79 1.65 14.23 -22.71
CA ARG A 79 1.49 15.11 -23.87
C ARG A 79 0.03 15.09 -24.28
N ILE A 80 -0.55 16.28 -24.47
CA ILE A 80 -1.95 16.41 -24.89
C ILE A 80 -1.96 16.81 -26.36
N TYR A 81 -2.61 15.99 -27.21
CA TYR A 81 -2.90 16.35 -28.60
C TYR A 81 -4.29 16.96 -28.66
N TYR A 82 -4.41 18.13 -29.27
CA TYR A 82 -5.68 18.84 -29.30
C TYR A 82 -5.85 19.53 -30.65
N LYS A 83 -7.10 19.89 -30.93
CA LYS A 83 -7.46 20.57 -32.17
C LYS A 83 -8.20 21.85 -31.81
N GLU A 84 -7.85 22.93 -32.48
CA GLU A 84 -8.33 24.26 -32.11
C GLU A 84 -9.58 24.65 -32.89
N ASN A 85 -10.35 25.57 -32.30
CA ASN A 85 -11.52 26.16 -32.93
C ASN A 85 -12.55 25.12 -33.33
N VAL A 86 -12.90 24.23 -32.39
CA VAL A 86 -13.88 23.17 -32.70
C VAL A 86 -15.27 23.52 -32.18
N TRP A 87 -15.40 23.67 -30.86
CA TRP A 87 -16.71 23.86 -30.24
C TRP A 87 -17.31 25.21 -30.64
N ARG A 88 -18.54 25.19 -31.13
CA ARG A 88 -19.19 26.38 -31.64
C ARG A 88 -20.10 27.05 -30.63
N ASP A 89 -20.66 26.30 -29.68
CA ASP A 89 -21.46 26.82 -28.57
C ASP A 89 -20.70 27.95 -27.87
N PRO A 90 -21.13 29.21 -28.03
CA PRO A 90 -20.35 30.31 -27.44
C PRO A 90 -20.39 30.33 -25.93
N ASP A 91 -21.44 29.77 -25.30
CA ASP A 91 -21.43 29.68 -23.84
C ASP A 91 -20.45 28.62 -23.35
N PHE A 92 -20.38 27.49 -24.08
CA PHE A 92 -19.46 26.42 -23.72
C PHE A 92 -18.01 26.85 -23.92
N LYS A 93 -17.70 27.49 -25.06
CA LYS A 93 -16.35 28.01 -25.30
C LYS A 93 -15.90 28.91 -24.18
N SER A 94 -16.71 29.90 -23.82
CA SER A 94 -16.25 30.83 -22.79
C SER A 94 -16.22 30.17 -21.41
N ALA A 95 -17.13 29.21 -21.14
CA ALA A 95 -17.08 28.51 -19.87
C ALA A 95 -15.92 27.53 -19.79
N PHE A 96 -15.65 26.81 -20.87
CA PHE A 96 -14.61 25.79 -20.85
C PHE A 96 -13.57 26.07 -21.91
N SER A 97 -13.76 25.54 -23.11
CA SER A 97 -12.75 25.69 -24.15
C SER A 97 -13.41 25.49 -25.50
N SER A 98 -12.78 26.05 -26.52
CA SER A 98 -13.14 25.70 -27.88
C SER A 98 -12.26 24.59 -28.47
N ARG A 99 -11.37 23.99 -27.67
CA ARG A 99 -10.44 22.98 -28.16
C ARG A 99 -10.96 21.56 -27.95
N GLU A 100 -10.74 20.68 -28.93
CA GLU A 100 -11.13 19.28 -28.83
C GLU A 100 -9.94 18.42 -28.46
N LEU A 101 -10.12 17.57 -27.44
CA LEU A 101 -9.08 16.65 -27.02
C LEU A 101 -8.95 15.51 -28.03
N ILE A 102 -7.73 15.25 -28.50
CA ILE A 102 -7.48 14.28 -29.55
C ILE A 102 -6.80 13.01 -29.00
N ALA A 103 -5.83 13.18 -28.12
CA ALA A 103 -5.01 12.06 -27.66
C ALA A 103 -4.26 12.47 -26.41
N ILE A 104 -3.95 11.47 -25.58
CA ILE A 104 -3.11 11.66 -24.39
C ILE A 104 -2.03 10.59 -24.40
N THR A 105 -0.77 11.00 -24.30
CA THR A 105 0.37 10.08 -24.26
C THR A 105 1.26 10.45 -23.08
N THR A 106 2.10 9.51 -22.65
CA THR A 106 2.94 9.77 -21.49
C THR A 106 4.31 10.29 -21.91
N CYS A 107 4.98 10.93 -20.96
CA CYS A 107 6.33 11.46 -21.12
C CYS A 107 7.25 10.72 -20.17
N SER A 108 8.21 10.01 -20.69
CA SER A 108 9.16 9.30 -19.84
C SER A 108 10.41 10.14 -19.49
N SER A 109 10.56 11.33 -20.05
CA SER A 109 11.61 12.25 -19.62
C SER A 109 11.13 13.68 -19.91
N SER A 110 11.97 14.64 -19.52
CA SER A 110 11.68 16.04 -19.81
C SER A 110 11.73 16.33 -21.31
N SER A 111 12.31 15.43 -22.08
CA SER A 111 12.58 15.60 -23.51
C SER A 111 11.66 14.77 -24.38
N TYR A 112 11.15 13.64 -23.88
CA TYR A 112 10.53 12.63 -24.71
C TYR A 112 9.13 12.34 -24.23
N CYS A 113 8.17 12.43 -25.15
CA CYS A 113 6.85 11.87 -24.90
C CYS A 113 6.50 10.99 -26.08
N MET A 114 5.69 9.97 -25.81
CA MET A 114 5.30 9.04 -26.84
C MET A 114 4.41 9.77 -27.85
N GLY A 115 4.49 9.36 -29.11
CA GLY A 115 3.65 9.95 -30.14
C GLY A 115 4.42 10.79 -31.14
N PRO A 116 3.76 11.17 -32.23
CA PRO A 116 4.43 11.89 -33.31
C PRO A 116 4.68 13.35 -32.97
N THR A 117 5.79 13.89 -33.52
CA THR A 117 6.17 15.28 -33.36
C THR A 117 6.39 15.93 -34.72
N VAL A 118 6.49 17.26 -34.72
CA VAL A 118 6.77 18.04 -35.93
C VAL A 118 8.08 17.67 -36.65
N ALA B 1 -23.85 31.95 -20.87
CA ALA B 1 -24.55 31.32 -19.76
C ALA B 1 -25.06 29.93 -20.16
N MET B 2 -24.31 28.90 -19.76
CA MET B 2 -24.70 27.52 -20.06
C MET B 2 -25.95 27.13 -19.27
N ALA B 3 -26.94 26.63 -19.98
CA ALA B 3 -28.20 26.23 -19.36
C ALA B 3 -27.98 25.09 -18.36
N ASP B 4 -28.62 25.23 -17.20
CA ASP B 4 -28.54 24.31 -16.06
C ASP B 4 -27.20 24.39 -15.31
N TYR B 5 -26.40 25.44 -15.53
CA TYR B 5 -25.12 25.56 -14.83
C TYR B 5 -25.07 26.78 -13.90
N ASP B 6 -26.21 27.42 -13.64
CA ASP B 6 -26.24 28.60 -12.79
C ASP B 6 -26.40 28.29 -11.30
N THR B 7 -26.65 27.03 -10.94
CA THR B 7 -26.78 26.61 -9.55
C THR B 7 -25.71 25.59 -9.21
N TYR B 8 -24.90 25.88 -8.20
CA TYR B 8 -23.79 25.03 -7.85
C TYR B 8 -23.30 25.38 -6.45
N VAL B 9 -22.55 24.45 -5.84
CA VAL B 9 -21.78 24.70 -4.62
C VAL B 9 -20.32 24.35 -4.88
N SER B 10 -19.41 25.15 -4.34
CA SER B 10 -17.99 25.09 -4.65
C SER B 10 -17.19 24.59 -3.45
N ASN B 11 -16.02 24.01 -3.73
CA ASN B 11 -15.06 23.62 -2.68
C ASN B 11 -15.72 22.72 -1.64
N VAL B 12 -16.50 21.76 -2.11
CA VAL B 12 -17.10 20.75 -1.26
C VAL B 12 -16.43 19.42 -1.56
N GLN B 13 -16.71 18.42 -0.73
CA GLN B 13 -16.21 17.06 -0.95
C GLN B 13 -17.38 16.11 -0.82
N ILE B 14 -17.37 15.05 -1.63
CA ILE B 14 -18.40 14.00 -1.53
C ILE B 14 -18.05 13.10 -0.36
N ASN B 15 -18.87 13.15 0.70
CA ASN B 15 -18.63 12.32 1.88
C ASN B 15 -19.72 11.27 2.11
N ASN B 16 -20.60 11.02 1.14
CA ASN B 16 -21.59 9.96 1.28
C ASN B 16 -22.07 9.55 -0.11
N LEU B 17 -22.46 8.29 -0.24
CA LEU B 17 -22.96 7.78 -1.51
C LEU B 17 -24.13 6.86 -1.24
N SER B 18 -25.08 6.86 -2.17
CA SER B 18 -26.17 5.90 -2.23
C SER B 18 -26.30 5.42 -3.66
N TYR B 19 -26.48 4.11 -3.85
CA TYR B 19 -26.85 3.54 -5.14
C TYR B 19 -27.93 2.47 -4.93
N GLY B 20 -28.94 2.44 -5.80
CA GLY B 20 -30.05 1.52 -5.64
C GLY B 20 -30.86 1.32 -6.90
N VAL B 21 -31.75 0.32 -6.84
CA VAL B 21 -32.73 0.06 -7.89
C VAL B 21 -34.11 0.23 -7.29
N TYR B 22 -35.04 0.73 -8.09
CA TYR B 22 -36.26 1.28 -7.53
C TYR B 22 -37.29 1.41 -8.64
N THR B 23 -38.53 1.04 -8.31
CA THR B 23 -39.66 1.25 -9.21
C THR B 23 -40.24 2.63 -8.93
N SER B 24 -40.42 3.42 -9.99
CA SER B 24 -40.93 4.78 -9.82
C SER B 24 -41.73 5.17 -11.06
N GLY B 25 -42.98 5.60 -10.83
CA GLY B 25 -43.86 5.96 -11.93
C GLY B 25 -44.06 4.85 -12.93
N GLY B 26 -44.17 3.61 -12.46
CA GLY B 26 -44.35 2.53 -13.39
C GLY B 26 -43.15 2.22 -14.25
N LYS B 27 -41.95 2.59 -13.80
CA LYS B 27 -40.79 2.16 -14.57
C LYS B 27 -39.67 1.76 -13.64
N GLU B 28 -38.88 0.79 -14.09
CA GLU B 28 -37.72 0.29 -13.36
C GLU B 28 -36.54 1.26 -13.48
N THR B 29 -36.07 1.79 -12.36
CA THR B 29 -34.96 2.75 -12.43
C THR B 29 -33.73 2.19 -11.73
N GLN B 30 -32.59 2.81 -12.07
CA GLN B 30 -31.43 2.91 -11.22
C GLN B 30 -31.30 4.35 -10.73
N PHE B 31 -30.72 4.53 -9.54
CA PHE B 31 -30.39 5.88 -9.09
C PHE B 31 -29.13 5.84 -8.23
N PHE B 32 -28.46 6.98 -8.15
CA PHE B 32 -27.44 7.20 -7.13
C PHE B 32 -27.58 8.62 -6.61
N CYS B 33 -27.12 8.82 -5.39
CA CYS B 33 -27.14 10.15 -4.77
C CYS B 33 -25.79 10.38 -4.11
N ILE B 34 -25.37 11.64 -4.08
CA ILE B 34 -24.14 12.01 -3.39
C ILE B 34 -24.51 12.86 -2.20
N GLY B 35 -23.72 12.73 -1.13
CA GLY B 35 -23.83 13.58 0.03
C GLY B 35 -22.59 14.46 0.09
N LEU B 36 -22.76 15.67 0.60
CA LEU B 36 -21.68 16.65 0.58
C LEU B 36 -21.34 17.13 1.99
N LYS B 37 -20.08 17.53 2.15
CA LYS B 37 -19.62 18.35 3.27
C LYS B 37 -18.78 19.49 2.70
N HIS B 38 -18.39 20.44 3.55
CA HIS B 38 -17.58 21.58 3.13
C HIS B 38 -16.35 21.66 4.02
N GLY B 39 -15.31 20.89 3.70
CA GLY B 39 -14.16 20.77 4.58
C GLY B 39 -14.57 20.14 5.90
N SER B 40 -14.24 20.79 7.01
CA SER B 40 -14.66 20.33 8.32
C SER B 40 -16.07 20.78 8.70
N GLU B 41 -16.75 21.53 7.84
CA GLU B 41 -18.07 21.99 8.16
C GLU B 41 -19.12 21.32 7.27
N ALA B 42 -20.36 21.35 7.72
CA ALA B 42 -21.47 20.88 6.92
C ALA B 42 -21.86 21.95 5.90
N ILE B 43 -22.81 21.62 5.02
CA ILE B 43 -23.30 22.57 4.04
C ILE B 43 -24.81 22.37 3.88
N SER B 44 -25.54 23.49 3.76
CA SER B 44 -27.01 23.48 3.84
C SER B 44 -27.67 22.76 2.69
N ILE B 45 -27.06 22.76 1.50
CA ILE B 45 -27.47 21.93 0.37
C ILE B 45 -26.43 20.83 0.26
N ASN B 46 -26.78 19.60 0.64
CA ASN B 46 -25.73 18.57 0.74
C ASN B 46 -26.14 17.24 0.15
N ALA B 47 -27.13 17.23 -0.75
CA ALA B 47 -27.54 15.97 -1.36
C ALA B 47 -28.13 16.24 -2.74
N MET B 48 -27.81 15.37 -3.68
CA MET B 48 -28.33 15.45 -5.05
C MET B 48 -28.18 14.09 -5.72
N CYS B 49 -29.10 13.81 -6.64
CA CYS B 49 -29.26 12.47 -7.20
C CYS B 49 -29.29 12.52 -8.72
N LYS B 50 -29.10 11.35 -9.32
CA LYS B 50 -29.24 11.13 -10.75
C LYS B 50 -29.98 9.82 -10.97
N VAL B 51 -30.93 9.81 -11.91
CA VAL B 51 -31.75 8.65 -12.21
C VAL B 51 -31.52 8.27 -13.66
N ASP B 52 -31.45 6.97 -13.95
CA ASP B 52 -31.04 6.56 -15.29
C ASP B 52 -32.12 6.82 -16.33
N VAL B 53 -33.41 6.70 -15.97
CA VAL B 53 -34.47 6.86 -16.93
C VAL B 53 -35.37 8.07 -16.64
N TYR B 54 -34.92 8.99 -15.77
CA TYR B 54 -35.68 10.20 -15.49
C TYR B 54 -34.73 11.38 -15.39
N GLY B 55 -35.30 12.58 -15.45
CA GLY B 55 -34.56 13.80 -15.24
C GLY B 55 -34.43 14.62 -16.52
N ASN B 56 -33.88 15.81 -16.35
CA ASN B 56 -33.66 16.69 -17.50
C ASN B 56 -32.59 16.16 -18.43
N HIS B 57 -31.64 15.38 -17.90
CA HIS B 57 -30.57 14.81 -18.74
C HIS B 57 -30.44 13.35 -18.36
N LYS B 58 -30.87 12.46 -19.23
CA LYS B 58 -30.86 11.08 -18.77
C LYS B 58 -29.55 10.44 -19.11
N GLN B 59 -28.81 11.05 -20.04
CA GLN B 59 -27.53 10.54 -20.49
C GLN B 59 -26.50 10.64 -19.37
N GLY B 60 -25.45 9.83 -19.50
CA GLY B 60 -24.32 9.92 -18.60
C GLY B 60 -24.53 9.29 -17.24
N PHE B 61 -25.46 8.34 -17.10
CA PHE B 61 -25.71 7.76 -15.79
C PHE B 61 -24.47 7.06 -15.26
N ASP B 62 -23.89 6.16 -16.05
CA ASP B 62 -22.73 5.38 -15.60
C ASP B 62 -21.51 6.26 -15.39
N ASN B 63 -21.24 7.18 -16.33
CA ASN B 63 -20.08 8.04 -16.18
C ASN B 63 -20.23 8.97 -14.97
N MET B 64 -21.45 9.46 -14.69
CA MET B 64 -21.62 10.32 -13.50
C MET B 64 -21.50 9.51 -12.21
N LEU B 65 -22.05 8.29 -12.20
CA LEU B 65 -21.87 7.38 -11.07
C LEU B 65 -20.39 7.12 -10.81
N ASN B 66 -19.66 6.67 -11.85
CA ASN B 66 -18.24 6.40 -11.68
C ASN B 66 -17.50 7.65 -11.23
N THR B 67 -17.85 8.81 -11.79
CA THR B 67 -17.17 10.05 -11.39
C THR B 67 -17.48 10.42 -9.94
N ALA B 68 -18.74 10.31 -9.51
CA ALA B 68 -19.07 10.57 -8.12
C ALA B 68 -18.29 9.64 -7.19
N LYS B 69 -18.27 8.36 -7.53
CA LYS B 69 -17.54 7.40 -6.71
C LYS B 69 -16.06 7.78 -6.65
N TYR B 70 -15.49 8.25 -7.77
CA TYR B 70 -14.08 8.64 -7.78
C TYR B 70 -13.79 9.71 -6.72
N TYR B 71 -14.55 10.79 -6.73
CA TYR B 71 -14.30 11.84 -5.76
C TYR B 71 -14.66 11.43 -4.33
N TYR B 72 -15.59 10.49 -4.14
CA TYR B 72 -15.73 9.91 -2.82
C TYR B 72 -14.42 9.25 -2.39
N THR B 73 -13.77 8.56 -3.33
CA THR B 73 -12.49 7.88 -3.10
C THR B 73 -11.38 8.86 -2.78
N THR B 74 -11.31 9.99 -3.50
CA THR B 74 -10.20 10.91 -3.28
C THR B 74 -10.43 11.83 -2.10
N GLY B 75 -11.68 12.11 -1.76
CA GLY B 75 -11.99 13.17 -0.81
C GLY B 75 -11.55 14.56 -1.25
N GLY B 76 -11.22 14.75 -2.56
CA GLY B 76 -10.73 16.02 -3.05
C GLY B 76 -11.82 17.07 -3.24
N ASP B 77 -11.39 18.31 -3.45
CA ASP B 77 -12.32 19.43 -3.54
C ASP B 77 -12.95 19.49 -4.93
N VAL B 78 -14.27 19.62 -4.97
CA VAL B 78 -15.01 19.67 -6.21
C VAL B 78 -16.01 20.81 -6.16
N ARG B 79 -16.59 21.11 -7.32
CA ARG B 79 -17.76 21.95 -7.44
C ARG B 79 -18.87 21.09 -8.01
N ILE B 80 -20.06 21.21 -7.44
CA ILE B 80 -21.20 20.38 -7.80
C ILE B 80 -22.23 21.29 -8.45
N TYR B 81 -22.53 21.08 -9.72
CA TYR B 81 -23.63 21.79 -10.37
C TYR B 81 -24.87 20.94 -10.26
N TYR B 82 -25.99 21.56 -9.90
CA TYR B 82 -27.19 20.77 -9.67
C TYR B 82 -28.42 21.59 -10.03
N LYS B 83 -29.53 20.89 -10.21
CA LYS B 83 -30.81 21.49 -10.55
C LYS B 83 -31.82 21.19 -9.45
N GLU B 84 -32.47 22.23 -8.94
CA GLU B 84 -33.40 22.08 -7.83
C GLU B 84 -34.76 21.59 -8.31
N ASN B 85 -35.50 20.94 -7.40
CA ASN B 85 -36.91 20.59 -7.57
C ASN B 85 -37.16 19.86 -8.88
N VAL B 86 -36.50 18.71 -9.03
CA VAL B 86 -36.63 17.88 -10.23
C VAL B 86 -37.43 16.63 -9.95
N TRP B 87 -37.03 15.82 -8.98
CA TRP B 87 -37.71 14.55 -8.76
C TRP B 87 -39.11 14.77 -8.19
N ARG B 88 -40.11 14.16 -8.82
CA ARG B 88 -41.52 14.33 -8.45
C ARG B 88 -42.10 13.14 -7.68
N ASP B 89 -41.40 12.02 -7.59
CA ASP B 89 -41.79 10.93 -6.71
C ASP B 89 -41.70 11.42 -5.26
N PRO B 90 -42.82 11.54 -4.53
CA PRO B 90 -42.73 12.13 -3.18
C PRO B 90 -41.98 11.23 -2.21
N ASP B 91 -42.00 9.91 -2.43
CA ASP B 91 -41.25 9.01 -1.56
C ASP B 91 -39.75 9.18 -1.76
N PHE B 92 -39.31 9.20 -3.01
CA PHE B 92 -37.89 9.38 -3.28
C PHE B 92 -37.41 10.73 -2.79
N LYS B 93 -38.18 11.78 -3.08
CA LYS B 93 -37.79 13.14 -2.73
C LYS B 93 -37.55 13.31 -1.23
N SER B 94 -38.38 12.72 -0.39
CA SER B 94 -38.15 12.84 1.06
C SER B 94 -37.14 11.83 1.57
N ALA B 95 -36.97 10.70 0.88
CA ALA B 95 -35.92 9.76 1.27
C ALA B 95 -34.53 10.24 0.86
N PHE B 96 -34.39 10.81 -0.34
CA PHE B 96 -33.05 11.18 -0.78
C PHE B 96 -32.95 12.67 -1.04
N SER B 97 -33.40 13.13 -2.21
CA SER B 97 -33.33 14.55 -2.50
C SER B 97 -34.28 14.84 -3.67
N SER B 98 -34.62 16.11 -3.84
CA SER B 98 -35.34 16.51 -5.04
C SER B 98 -34.41 17.02 -6.13
N ARG B 99 -33.11 17.10 -5.87
CA ARG B 99 -32.19 17.79 -6.76
C ARG B 99 -31.52 16.83 -7.73
N GLU B 100 -31.33 17.29 -8.98
CA GLU B 100 -30.65 16.48 -10.00
C GLU B 100 -29.19 16.93 -10.11
N LEU B 101 -28.29 15.96 -10.16
CA LEU B 101 -26.87 16.20 -10.37
C LEU B 101 -26.58 16.49 -11.84
N ILE B 102 -25.92 17.61 -12.13
CA ILE B 102 -25.68 18.06 -13.50
C ILE B 102 -24.22 17.88 -13.90
N ALA B 103 -23.30 18.26 -13.03
CA ALA B 103 -21.88 18.23 -13.38
C ALA B 103 -21.05 18.23 -12.10
N ILE B 104 -19.83 17.71 -12.24
CA ILE B 104 -18.82 17.70 -11.18
C ILE B 104 -17.52 18.19 -11.79
N THR B 105 -16.97 19.26 -11.23
CA THR B 105 -15.67 19.79 -11.64
C THR B 105 -14.78 19.91 -10.41
N THR B 106 -13.47 19.96 -10.66
CA THR B 106 -12.48 20.02 -9.59
C THR B 106 -12.17 21.46 -9.19
N CYS B 107 -11.68 21.60 -7.95
CA CYS B 107 -11.20 22.87 -7.43
C CYS B 107 -9.71 22.71 -7.14
N SER B 108 -8.86 23.40 -7.92
CA SER B 108 -7.43 23.31 -7.67
C SER B 108 -6.96 24.25 -6.56
N SER B 109 -7.76 25.23 -6.15
CA SER B 109 -7.42 26.02 -4.98
C SER B 109 -8.69 26.25 -4.16
N SER B 110 -8.52 26.88 -3.01
CA SER B 110 -9.66 27.27 -2.18
C SER B 110 -10.51 28.36 -2.82
N SER B 111 -10.00 29.03 -3.86
CA SER B 111 -10.70 30.12 -4.51
C SER B 111 -10.97 29.87 -5.99
N TYR B 112 -10.64 28.70 -6.52
CA TYR B 112 -10.90 28.45 -7.92
C TYR B 112 -11.40 27.03 -8.13
N CYS B 113 -12.52 26.91 -8.86
CA CYS B 113 -12.91 25.63 -9.42
C CYS B 113 -13.16 25.78 -10.92
N MET B 114 -12.86 24.71 -11.66
CA MET B 114 -13.10 24.71 -13.09
C MET B 114 -14.59 24.85 -13.38
N GLY B 115 -14.92 25.46 -14.53
CA GLY B 115 -16.29 25.64 -14.92
C GLY B 115 -16.83 27.06 -14.77
N PRO B 116 -17.97 27.33 -15.38
CA PRO B 116 -18.53 28.70 -15.34
C PRO B 116 -19.06 29.06 -13.97
N THR B 117 -19.00 30.36 -13.66
CA THR B 117 -19.50 30.92 -12.41
C THR B 117 -20.50 32.02 -12.72
N VAL B 118 -21.44 32.23 -11.80
CA VAL B 118 -22.37 33.35 -11.88
C VAL B 118 -21.75 34.56 -11.19
N THR B 119 -21.77 35.71 -11.89
CA THR B 119 -21.33 36.98 -11.32
C THR B 119 -22.50 37.72 -10.68
N ASN B 120 -22.30 38.14 -9.44
CA ASN B 120 -23.31 38.89 -8.69
C ASN B 120 -22.74 40.19 -8.19
N ALA C 1 -27.41 -29.09 -4.51
CA ALA C 1 -26.11 -28.75 -5.06
C ALA C 1 -26.27 -28.00 -6.38
N MET C 2 -25.69 -26.80 -6.45
CA MET C 2 -25.74 -26.01 -7.68
C MET C 2 -24.96 -26.71 -8.78
N ALA C 3 -25.57 -26.83 -9.96
CA ALA C 3 -24.89 -27.40 -11.11
C ALA C 3 -23.63 -26.62 -11.45
N ASP C 4 -22.56 -27.35 -11.78
CA ASP C 4 -21.22 -26.84 -12.09
C ASP C 4 -20.51 -26.22 -10.89
N TYR C 5 -20.98 -26.44 -9.67
CA TYR C 5 -20.25 -25.92 -8.52
C TYR C 5 -19.69 -27.03 -7.64
N ASP C 6 -19.60 -28.25 -8.18
CA ASP C 6 -19.14 -29.40 -7.40
C ASP C 6 -17.62 -29.51 -7.30
N THR C 7 -16.87 -28.84 -8.18
CA THR C 7 -15.41 -28.93 -8.20
C THR C 7 -14.79 -27.57 -7.90
N TYR C 8 -13.97 -27.50 -6.86
CA TYR C 8 -13.39 -26.23 -6.46
C TYR C 8 -12.15 -26.47 -5.62
N VAL C 9 -11.30 -25.45 -5.53
CA VAL C 9 -10.18 -25.44 -4.60
C VAL C 9 -10.27 -24.22 -3.71
N SER C 10 -9.91 -24.38 -2.44
CA SER C 10 -10.19 -23.39 -1.42
C SER C 10 -8.90 -22.82 -0.85
N ASN C 11 -9.00 -21.56 -0.39
CA ASN C 11 -7.89 -20.88 0.27
C ASN C 11 -6.65 -20.87 -0.62
N VAL C 12 -6.87 -20.56 -1.88
CA VAL C 12 -5.80 -20.39 -2.84
C VAL C 12 -5.62 -18.89 -3.10
N GLN C 13 -4.57 -18.57 -3.85
CA GLN C 13 -4.27 -17.21 -4.29
C GLN C 13 -4.05 -17.22 -5.80
N ILE C 14 -4.49 -16.17 -6.47
CA ILE C 14 -4.22 -16.00 -7.90
C ILE C 14 -2.88 -15.30 -8.00
N ASN C 15 -1.86 -16.00 -8.50
CA ASN C 15 -0.53 -15.41 -8.57
C ASN C 15 -0.04 -15.17 -9.99
N ASN C 16 -0.84 -15.48 -11.01
CA ASN C 16 -0.49 -15.15 -12.38
C ASN C 16 -1.78 -14.94 -13.17
N LEU C 17 -1.68 -14.19 -14.26
CA LEU C 17 -2.90 -13.89 -14.98
C LEU C 17 -2.49 -13.70 -16.44
N SER C 18 -3.23 -14.30 -17.37
CA SER C 18 -3.01 -14.12 -18.80
C SER C 18 -4.27 -13.54 -19.42
N TYR C 19 -4.12 -12.50 -20.24
CA TYR C 19 -5.23 -11.98 -21.04
C TYR C 19 -4.80 -11.82 -22.50
N GLY C 20 -5.60 -12.36 -23.42
CA GLY C 20 -5.25 -12.26 -24.83
C GLY C 20 -6.40 -12.43 -25.79
N VAL C 21 -6.11 -12.14 -27.05
CA VAL C 21 -7.05 -12.36 -28.15
C VAL C 21 -6.48 -13.45 -29.03
N TYR C 22 -7.37 -14.23 -29.65
CA TYR C 22 -6.95 -15.50 -30.22
C TYR C 22 -8.03 -16.04 -31.15
N THR C 23 -7.63 -16.48 -32.33
CA THR C 23 -8.52 -17.21 -33.23
C THR C 23 -8.51 -18.68 -32.81
N SER C 24 -9.69 -19.23 -32.50
CA SER C 24 -9.79 -20.63 -32.06
C SER C 24 -10.94 -21.30 -32.78
N GLY C 25 -10.62 -22.33 -33.56
CA GLY C 25 -11.67 -23.06 -34.28
C GLY C 25 -12.48 -22.18 -35.20
N GLY C 26 -11.85 -21.19 -35.83
CA GLY C 26 -12.54 -20.28 -36.71
C GLY C 26 -13.33 -19.19 -36.05
N LYS C 27 -13.19 -18.99 -34.75
CA LYS C 27 -13.87 -17.90 -34.05
C LYS C 27 -12.84 -16.97 -33.42
N GLU C 28 -13.14 -15.69 -33.50
CA GLU C 28 -12.30 -14.65 -32.89
C GLU C 28 -12.63 -14.67 -31.40
N THR C 29 -11.65 -14.86 -30.55
CA THR C 29 -12.01 -14.90 -29.12
C THR C 29 -11.16 -13.98 -28.28
N GLN C 30 -11.69 -13.74 -27.09
CA GLN C 30 -10.93 -13.15 -25.99
C GLN C 30 -10.84 -14.26 -24.96
N PHE C 31 -9.77 -14.29 -24.21
CA PHE C 31 -9.72 -15.28 -23.12
C PHE C 31 -8.82 -14.73 -22.03
N PHE C 32 -9.08 -15.16 -20.84
CA PHE C 32 -8.09 -14.95 -19.80
C PHE C 32 -7.93 -16.24 -19.02
N CYS C 33 -6.74 -16.42 -18.44
CA CYS C 33 -6.45 -17.57 -17.58
C CYS C 33 -5.81 -17.08 -16.30
N ILE C 34 -6.14 -17.75 -15.20
CA ILE C 34 -5.55 -17.45 -13.90
C ILE C 34 -4.61 -18.57 -13.52
N GLY C 35 -3.56 -18.19 -12.80
CA GLY C 35 -2.61 -19.12 -12.22
C GLY C 35 -2.77 -19.10 -10.72
N LEU C 36 -2.75 -20.29 -10.11
CA LEU C 36 -3.03 -20.47 -8.69
C LEU C 36 -1.77 -20.92 -7.96
N LYS C 37 -1.64 -20.47 -6.70
CA LYS C 37 -0.77 -21.07 -5.67
C LYS C 37 -1.59 -21.35 -4.43
N HIS C 38 -1.00 -22.08 -3.50
CA HIS C 38 -1.58 -22.35 -2.19
C HIS C 38 -0.56 -21.96 -1.15
N GLY C 39 -0.51 -20.66 -0.85
CA GLY C 39 0.44 -20.12 0.08
C GLY C 39 1.86 -20.33 -0.36
N SER C 40 2.54 -21.28 0.28
CA SER C 40 3.92 -21.58 -0.05
C SER C 40 4.04 -22.63 -1.15
N GLU C 41 3.14 -23.61 -1.18
CA GLU C 41 3.31 -24.70 -2.12
C GLU C 41 2.57 -24.44 -3.43
N ALA C 42 3.12 -24.99 -4.50
CA ALA C 42 2.46 -25.06 -5.78
C ALA C 42 1.48 -26.22 -5.79
N ILE C 43 0.50 -26.16 -6.68
CA ILE C 43 -0.54 -27.16 -6.74
C ILE C 43 -0.75 -27.59 -8.18
N SER C 44 -1.23 -28.82 -8.36
CA SER C 44 -1.45 -29.34 -9.71
C SER C 44 -2.62 -28.62 -10.36
N ILE C 45 -3.65 -28.31 -9.58
CA ILE C 45 -4.86 -27.66 -10.07
C ILE C 45 -4.53 -26.17 -10.11
N ASN C 46 -3.86 -25.69 -11.16
CA ASN C 46 -3.25 -24.36 -11.06
C ASN C 46 -3.53 -23.44 -12.23
N ALA C 47 -4.39 -23.82 -13.18
CA ALA C 47 -4.69 -22.93 -14.29
C ALA C 47 -6.13 -23.16 -14.70
N MET C 48 -6.88 -22.07 -14.84
CA MET C 48 -8.30 -22.14 -15.20
C MET C 48 -8.60 -20.93 -16.07
N CYS C 49 -9.39 -21.12 -17.10
CA CYS C 49 -9.56 -20.08 -18.11
C CYS C 49 -11.05 -19.80 -18.31
N LYS C 50 -11.29 -18.66 -18.97
CA LYS C 50 -12.61 -18.28 -19.45
C LYS C 50 -12.46 -17.69 -20.85
N VAL C 51 -13.40 -18.04 -21.73
CA VAL C 51 -13.38 -17.60 -23.13
C VAL C 51 -14.69 -16.91 -23.43
N ASP C 52 -14.65 -15.80 -24.16
CA ASP C 52 -15.86 -14.99 -24.28
C ASP C 52 -16.90 -15.65 -25.17
N VAL C 53 -16.49 -16.38 -26.20
CA VAL C 53 -17.43 -16.98 -27.15
C VAL C 53 -17.37 -18.52 -27.15
N TYR C 54 -16.83 -19.12 -26.08
CA TYR C 54 -16.82 -20.56 -25.91
C TYR C 54 -17.07 -20.88 -24.45
N GLY C 55 -17.39 -22.13 -24.17
CA GLY C 55 -17.52 -22.64 -22.81
C GLY C 55 -18.96 -23.00 -22.48
N ASN C 56 -19.11 -23.63 -21.31
CA ASN C 56 -20.45 -23.97 -20.83
C ASN C 56 -21.27 -22.73 -20.47
N HIS C 57 -20.61 -21.63 -20.07
CA HIS C 57 -21.29 -20.37 -19.71
C HIS C 57 -20.52 -19.21 -20.32
N LYS C 58 -20.97 -18.73 -21.48
CA LYS C 58 -20.27 -17.64 -22.14
C LYS C 58 -20.52 -16.29 -21.48
N GLN C 59 -21.61 -16.14 -20.74
CA GLN C 59 -21.90 -14.86 -20.12
C GLN C 59 -20.83 -14.48 -19.08
N GLY C 60 -20.78 -13.19 -18.77
CA GLY C 60 -19.97 -12.73 -17.64
C GLY C 60 -18.49 -12.64 -17.89
N PHE C 61 -18.06 -12.50 -19.15
CA PHE C 61 -16.62 -12.52 -19.42
C PHE C 61 -15.94 -11.33 -18.74
N ASP C 62 -16.45 -10.12 -18.97
CA ASP C 62 -15.81 -8.92 -18.42
C ASP C 62 -15.83 -8.95 -16.90
N ASN C 63 -16.97 -9.34 -16.30
CA ASN C 63 -17.07 -9.33 -14.85
C ASN C 63 -16.15 -10.36 -14.23
N MET C 64 -16.04 -11.55 -14.84
CA MET C 64 -15.11 -12.55 -14.31
C MET C 64 -13.66 -12.09 -14.45
N LEU C 65 -13.33 -11.48 -15.59
CA LEU C 65 -11.99 -10.91 -15.77
C LEU C 65 -11.67 -9.88 -14.70
N ASN C 66 -12.57 -8.91 -14.51
CA ASN C 66 -12.35 -7.91 -13.46
C ASN C 66 -12.23 -8.58 -12.10
N THR C 67 -13.01 -9.62 -11.84
CA THR C 67 -12.92 -10.27 -10.54
C THR C 67 -11.56 -10.94 -10.35
N ALA C 68 -11.14 -11.74 -11.35
CA ALA C 68 -9.82 -12.35 -11.31
C ALA C 68 -8.72 -11.30 -11.15
N LYS C 69 -8.77 -10.21 -11.92
CA LYS C 69 -7.76 -9.16 -11.76
C LYS C 69 -7.75 -8.64 -10.33
N TYR C 70 -8.93 -8.51 -9.73
CA TYR C 70 -9.01 -7.97 -8.38
C TYR C 70 -8.19 -8.81 -7.39
N TYR C 71 -8.42 -10.13 -7.35
CA TYR C 71 -7.76 -10.94 -6.34
C TYR C 71 -6.32 -11.24 -6.69
N TYR C 72 -5.95 -11.20 -7.97
CA TYR C 72 -4.53 -11.20 -8.32
C TYR C 72 -3.84 -9.98 -7.71
N THR C 73 -4.50 -8.83 -7.76
CA THR C 73 -3.90 -7.60 -7.24
C THR C 73 -3.74 -7.62 -5.72
N THR C 74 -4.78 -8.04 -4.98
CA THR C 74 -4.67 -8.04 -3.54
C THR C 74 -3.93 -9.27 -3.01
N GLY C 75 -3.83 -10.31 -3.83
CA GLY C 75 -3.31 -11.58 -3.34
C GLY C 75 -4.15 -12.24 -2.28
N GLY C 76 -5.42 -11.86 -2.10
CA GLY C 76 -6.23 -12.44 -1.05
C GLY C 76 -6.63 -13.90 -1.28
N ASP C 77 -6.90 -14.59 -0.18
CA ASP C 77 -7.44 -15.95 -0.21
C ASP C 77 -8.78 -15.99 -0.92
N VAL C 78 -8.92 -16.88 -1.89
CA VAL C 78 -10.18 -17.09 -2.60
C VAL C 78 -10.47 -18.57 -2.74
N ARG C 79 -11.71 -18.87 -3.13
CA ARG C 79 -12.11 -20.16 -3.64
C ARG C 79 -12.41 -20.04 -5.12
N ILE C 80 -11.92 -21.01 -5.89
CA ILE C 80 -12.08 -21.06 -7.33
C ILE C 80 -12.95 -22.27 -7.65
N TYR C 81 -14.12 -22.01 -8.24
CA TYR C 81 -14.94 -23.06 -8.83
C TYR C 81 -14.59 -23.17 -10.31
N TYR C 82 -14.48 -24.40 -10.79
CA TYR C 82 -14.04 -24.66 -12.15
C TYR C 82 -14.64 -25.98 -12.62
N LYS C 83 -14.57 -26.19 -13.93
CA LYS C 83 -15.09 -27.36 -14.60
C LYS C 83 -13.97 -27.97 -15.43
N GLU C 84 -13.73 -29.26 -15.23
CA GLU C 84 -12.64 -29.96 -15.90
C GLU C 84 -13.02 -30.32 -17.33
N ASN C 85 -12.00 -30.46 -18.17
CA ASN C 85 -12.14 -31.01 -19.53
C ASN C 85 -13.19 -30.25 -20.36
N VAL C 86 -12.97 -28.95 -20.52
CA VAL C 86 -13.89 -28.11 -21.29
C VAL C 86 -13.26 -27.68 -22.62
N TRP C 87 -12.05 -27.13 -22.59
CA TRP C 87 -11.47 -26.57 -23.82
C TRP C 87 -10.93 -27.69 -24.70
N ARG C 88 -11.36 -27.71 -25.96
CA ARG C 88 -10.97 -28.79 -26.88
C ARG C 88 -10.00 -28.34 -27.97
N ASP C 89 -9.67 -27.06 -28.04
CA ASP C 89 -8.52 -26.57 -28.79
C ASP C 89 -7.22 -27.14 -28.21
N PRO C 90 -6.54 -28.05 -28.91
CA PRO C 90 -5.35 -28.69 -28.33
C PRO C 90 -4.20 -27.73 -28.11
N ASP C 91 -4.02 -26.72 -28.96
CA ASP C 91 -2.98 -25.73 -28.73
C ASP C 91 -3.29 -24.91 -27.47
N PHE C 92 -4.53 -24.44 -27.33
CA PHE C 92 -4.92 -23.72 -26.13
C PHE C 92 -4.81 -24.61 -24.90
N LYS C 93 -5.25 -25.86 -25.00
CA LYS C 93 -5.24 -26.72 -23.82
C LYS C 93 -3.80 -26.94 -23.33
N SER C 94 -2.89 -27.21 -24.26
CA SER C 94 -1.50 -27.45 -23.91
C SER C 94 -0.83 -26.19 -23.37
N ALA C 95 -1.21 -25.01 -23.87
CA ALA C 95 -0.58 -23.78 -23.41
C ALA C 95 -1.10 -23.35 -22.04
N PHE C 96 -2.34 -23.69 -21.71
CA PHE C 96 -2.92 -23.24 -20.45
C PHE C 96 -3.55 -24.41 -19.72
N SER C 97 -4.81 -24.69 -20.02
CA SER C 97 -5.58 -25.66 -19.25
C SER C 97 -6.81 -26.03 -20.07
N SER C 98 -7.49 -27.08 -19.61
CA SER C 98 -8.79 -27.45 -20.14
C SER C 98 -9.94 -27.01 -19.23
N ARG C 99 -9.61 -26.39 -18.09
CA ARG C 99 -10.60 -26.05 -17.09
C ARG C 99 -11.24 -24.69 -17.37
N GLU C 100 -12.57 -24.66 -17.31
CA GLU C 100 -13.33 -23.43 -17.46
C GLU C 100 -13.61 -22.85 -16.07
N LEU C 101 -13.19 -21.60 -15.86
CA LEU C 101 -13.49 -20.88 -14.63
C LEU C 101 -14.99 -20.64 -14.53
N ILE C 102 -15.56 -20.90 -13.34
CA ILE C 102 -16.99 -20.84 -13.10
C ILE C 102 -17.36 -19.73 -12.13
N ALA C 103 -16.61 -19.60 -11.03
CA ALA C 103 -16.92 -18.63 -10.00
C ALA C 103 -15.67 -18.39 -9.16
N ILE C 104 -15.61 -17.20 -8.55
CA ILE C 104 -14.59 -16.85 -7.59
C ILE C 104 -15.29 -16.30 -6.35
N THR C 105 -14.88 -16.77 -5.16
CA THR C 105 -15.47 -16.31 -3.91
C THR C 105 -14.35 -16.06 -2.90
N THR C 106 -14.64 -15.28 -1.86
CA THR C 106 -13.62 -14.87 -0.90
C THR C 106 -13.55 -15.84 0.28
N CYS C 107 -12.36 -15.91 0.88
CA CYS C 107 -12.14 -16.71 2.09
C CYS C 107 -11.83 -15.76 3.24
N SER C 108 -12.80 -15.53 4.10
CA SER C 108 -12.63 -14.62 5.22
C SER C 108 -11.75 -15.18 6.33
N SER C 109 -11.47 -16.48 6.35
CA SER C 109 -10.55 -17.07 7.32
C SER C 109 -9.82 -18.24 6.66
N SER C 110 -8.92 -18.86 7.43
CA SER C 110 -8.18 -20.05 7.00
C SER C 110 -9.10 -21.22 6.69
N SER C 111 -10.27 -21.28 7.32
CA SER C 111 -11.11 -22.45 7.28
C SER C 111 -12.47 -22.21 6.61
N TYR C 112 -12.77 -20.99 6.18
CA TYR C 112 -14.09 -20.70 5.60
C TYR C 112 -13.94 -19.87 4.34
N CYS C 113 -14.63 -20.30 3.29
CA CYS C 113 -14.82 -19.50 2.10
C CYS C 113 -16.31 -19.42 1.80
N MET C 114 -16.71 -18.33 1.14
CA MET C 114 -18.12 -18.18 0.80
C MET C 114 -18.46 -19.08 -0.39
N GLY C 115 -19.74 -19.49 -0.46
CA GLY C 115 -20.22 -20.22 -1.60
C GLY C 115 -20.70 -21.61 -1.23
N PRO C 116 -21.31 -22.32 -2.18
CA PRO C 116 -21.77 -23.68 -1.90
C PRO C 116 -20.61 -24.62 -1.74
N THR C 117 -20.85 -25.69 -0.97
CA THR C 117 -19.87 -26.72 -0.73
C THR C 117 -20.53 -28.07 -0.96
N VAL C 118 -19.70 -29.10 -1.13
CA VAL C 118 -20.16 -30.47 -1.29
C VAL C 118 -19.65 -31.29 -0.12
N THR C 119 -20.41 -32.32 0.22
CA THR C 119 -19.97 -33.29 1.20
C THR C 119 -19.11 -34.35 0.52
N ASN C 120 -18.23 -34.95 1.31
CA ASN C 120 -17.21 -35.86 0.81
C ASN C 120 -17.24 -37.20 1.60
N ALA D 1 0.93 -25.28 -31.85
CA ALA D 1 1.20 -23.96 -31.24
C ALA D 1 0.04 -22.98 -31.53
N MET D 2 -0.24 -22.08 -30.59
CA MET D 2 -1.33 -21.12 -30.80
C MET D 2 -0.95 -20.09 -31.85
N ALA D 3 -1.77 -20.00 -32.90
CA ALA D 3 -1.55 -19.00 -33.94
C ALA D 3 -1.48 -17.60 -33.35
N ASP D 4 -0.54 -16.79 -33.87
CA ASP D 4 -0.26 -15.42 -33.43
C ASP D 4 0.35 -15.33 -32.04
N TYR D 5 0.82 -16.45 -31.46
CA TYR D 5 1.46 -16.40 -30.16
C TYR D 5 2.93 -16.77 -30.22
N ASP D 6 3.52 -16.77 -31.41
CA ASP D 6 4.90 -17.20 -31.57
C ASP D 6 5.92 -16.10 -31.28
N THR D 7 5.55 -14.82 -31.33
CA THR D 7 6.53 -13.74 -31.18
C THR D 7 6.20 -12.94 -29.93
N TYR D 8 7.14 -12.87 -28.99
CA TYR D 8 6.85 -12.23 -27.73
C TYR D 8 8.14 -11.76 -27.09
N VAL D 9 8.02 -10.83 -26.14
CA VAL D 9 9.15 -10.42 -25.31
C VAL D 9 8.74 -10.59 -23.86
N SER D 10 9.66 -11.06 -23.02
CA SER D 10 9.34 -11.52 -21.67
C SER D 10 10.04 -10.66 -20.64
N ASN D 11 9.45 -10.59 -19.44
CA ASN D 11 10.03 -9.86 -18.31
C ASN D 11 10.29 -8.38 -18.65
N VAL D 12 9.41 -7.77 -19.40
CA VAL D 12 9.51 -6.36 -19.69
C VAL D 12 8.57 -5.59 -18.76
N GLN D 13 8.68 -4.27 -18.78
CA GLN D 13 7.76 -3.40 -18.08
C GLN D 13 7.18 -2.42 -19.09
N ILE D 14 5.92 -2.04 -18.89
CA ILE D 14 5.28 -1.02 -19.72
C ILE D 14 5.64 0.34 -19.13
N ASN D 15 6.45 1.12 -19.84
CA ASN D 15 6.90 2.39 -19.28
C ASN D 15 6.41 3.60 -20.06
N ASN D 16 5.52 3.40 -21.04
CA ASN D 16 4.91 4.52 -21.72
C ASN D 16 3.56 4.04 -22.29
N LEU D 17 2.63 4.97 -22.43
CA LEU D 17 1.31 4.68 -22.97
C LEU D 17 0.92 5.77 -23.94
N SER D 18 0.07 5.41 -24.90
CA SER D 18 -0.57 6.38 -25.78
C SER D 18 -2.01 5.95 -26.01
N TYR D 19 -2.95 6.89 -25.91
CA TYR D 19 -4.34 6.65 -26.29
C TYR D 19 -4.83 7.84 -27.12
N GLY D 20 -5.49 7.56 -28.24
CA GLY D 20 -6.01 8.63 -29.07
C GLY D 20 -7.16 8.18 -29.96
N VAL D 21 -7.81 9.18 -30.56
CA VAL D 21 -8.82 8.98 -31.59
C VAL D 21 -8.26 9.52 -32.90
N TYR D 22 -8.63 8.88 -34.02
CA TYR D 22 -7.90 9.06 -35.26
C TYR D 22 -8.72 8.52 -36.43
N THR D 23 -8.75 9.31 -37.51
CA THR D 23 -9.36 8.91 -38.78
C THR D 23 -8.31 8.20 -39.63
N SER D 24 -8.58 6.97 -40.02
CA SER D 24 -7.65 6.23 -40.87
C SER D 24 -8.44 5.39 -41.87
N GLY D 25 -8.10 5.49 -43.15
CA GLY D 25 -8.79 4.72 -44.19
C GLY D 25 -10.28 4.90 -44.22
N GLY D 26 -10.77 6.11 -43.94
CA GLY D 26 -12.20 6.37 -43.96
C GLY D 26 -12.98 5.80 -42.80
N LYS D 27 -12.32 5.42 -41.72
CA LYS D 27 -12.97 4.92 -40.52
C LYS D 27 -12.53 5.77 -39.32
N GLU D 28 -13.48 6.06 -38.43
CA GLU D 28 -13.17 6.68 -37.15
C GLU D 28 -12.66 5.60 -36.18
N THR D 29 -11.41 5.72 -35.73
CA THR D 29 -10.77 4.71 -34.91
C THR D 29 -10.45 5.22 -33.50
N GLN D 30 -10.34 4.28 -32.57
CA GLN D 30 -9.55 4.41 -31.36
C GLN D 30 -8.30 3.55 -31.46
N PHE D 31 -7.24 3.99 -30.81
CA PHE D 31 -6.05 3.17 -30.70
C PHE D 31 -5.39 3.44 -29.36
N PHE D 32 -4.60 2.47 -28.92
CA PHE D 32 -3.63 2.72 -27.87
C PHE D 32 -2.36 1.95 -28.19
N CYS D 33 -1.26 2.41 -27.60
CA CYS D 33 0.06 1.84 -27.79
C CYS D 33 0.77 1.78 -26.46
N ILE D 34 1.58 0.75 -26.28
CA ILE D 34 2.39 0.61 -25.09
C ILE D 34 3.85 0.76 -25.48
N GLY D 35 4.59 1.45 -24.62
CA GLY D 35 6.05 1.51 -24.71
C GLY D 35 6.65 0.59 -23.67
N LEU D 36 7.75 -0.07 -24.06
CA LEU D 36 8.35 -1.11 -23.26
C LEU D 36 9.79 -0.74 -22.94
N LYS D 37 10.25 -1.20 -21.76
CA LYS D 37 11.66 -1.24 -21.39
C LYS D 37 11.92 -2.60 -20.73
N HIS D 38 13.20 -2.95 -20.62
CA HIS D 38 13.60 -4.20 -19.98
C HIS D 38 14.50 -3.86 -18.79
N GLY D 39 13.86 -3.62 -17.63
CA GLY D 39 14.59 -3.25 -16.43
C GLY D 39 15.28 -1.92 -16.60
N SER D 40 16.60 -1.94 -16.78
CA SER D 40 17.36 -0.71 -16.92
C SER D 40 17.55 -0.28 -18.37
N GLU D 41 17.33 -1.17 -19.32
CA GLU D 41 17.76 -0.93 -20.69
C GLU D 41 16.57 -0.80 -21.64
N ALA D 42 16.78 -0.01 -22.68
CA ALA D 42 15.87 0.11 -23.81
C ALA D 42 15.93 -1.16 -24.66
N ILE D 43 14.84 -1.41 -25.38
CA ILE D 43 14.79 -2.53 -26.30
C ILE D 43 14.26 -2.06 -27.65
N SER D 44 14.61 -2.80 -28.68
CA SER D 44 14.27 -2.39 -30.04
C SER D 44 12.79 -2.63 -30.34
N ILE D 45 12.27 -3.82 -30.02
CA ILE D 45 10.83 -4.09 -30.09
C ILE D 45 10.18 -3.43 -28.87
N ASN D 46 9.90 -2.13 -28.96
CA ASN D 46 9.53 -1.38 -27.77
C ASN D 46 8.20 -0.65 -27.91
N ALA D 47 7.45 -0.90 -28.99
CA ALA D 47 6.11 -0.34 -29.13
C ALA D 47 5.24 -1.30 -29.90
N MET D 48 3.97 -1.35 -29.51
CA MET D 48 2.95 -2.15 -30.18
C MET D 48 1.58 -1.61 -29.80
N CYS D 49 0.63 -1.75 -30.72
CA CYS D 49 -0.59 -0.98 -30.66
C CYS D 49 -1.78 -1.88 -30.91
N LYS D 50 -2.95 -1.41 -30.46
CA LYS D 50 -4.22 -2.06 -30.74
C LYS D 50 -5.20 -1.01 -31.25
N VAL D 51 -6.02 -1.39 -32.23
CA VAL D 51 -6.99 -0.48 -32.86
C VAL D 51 -8.37 -1.12 -32.76
N ASP D 52 -9.38 -0.31 -32.45
CA ASP D 52 -10.68 -0.90 -32.17
C ASP D 52 -11.38 -1.42 -33.42
N VAL D 53 -11.15 -0.82 -34.61
CA VAL D 53 -11.86 -1.22 -35.82
C VAL D 53 -10.90 -1.69 -36.92
N TYR D 54 -9.69 -2.07 -36.56
CA TYR D 54 -8.73 -2.59 -37.52
C TYR D 54 -7.91 -3.66 -36.81
N GLY D 55 -7.20 -4.46 -37.58
CA GLY D 55 -6.26 -5.43 -37.06
C GLY D 55 -6.73 -6.86 -37.29
N ASN D 56 -5.81 -7.78 -36.99
CA ASN D 56 -6.14 -9.20 -37.05
C ASN D 56 -7.17 -9.59 -35.99
N HIS D 57 -7.24 -8.88 -34.87
CA HIS D 57 -8.21 -9.21 -33.82
C HIS D 57 -8.78 -7.91 -33.28
N LYS D 58 -9.99 -7.57 -33.70
CA LYS D 58 -10.59 -6.30 -33.28
C LYS D 58 -11.23 -6.37 -31.90
N GLN D 59 -11.53 -7.57 -31.40
CA GLN D 59 -12.15 -7.78 -30.12
C GLN D 59 -11.21 -7.41 -28.96
N GLY D 60 -11.81 -7.10 -27.81
CA GLY D 60 -11.05 -6.92 -26.60
C GLY D 60 -10.32 -5.61 -26.49
N PHE D 61 -10.73 -4.59 -27.27
CA PHE D 61 -10.04 -3.32 -27.24
C PHE D 61 -10.04 -2.72 -25.83
N ASP D 62 -11.22 -2.59 -25.21
CA ASP D 62 -11.31 -2.02 -23.87
C ASP D 62 -10.55 -2.85 -22.86
N ASN D 63 -10.70 -4.17 -22.92
CA ASN D 63 -10.02 -5.03 -21.94
C ASN D 63 -8.52 -4.92 -22.05
N MET D 64 -7.99 -4.96 -23.29
CA MET D 64 -6.54 -4.79 -23.47
C MET D 64 -6.08 -3.43 -22.95
N LEU D 65 -6.83 -2.38 -23.28
CA LEU D 65 -6.48 -1.03 -22.88
C LEU D 65 -6.36 -0.94 -21.36
N ASN D 66 -7.36 -1.43 -20.65
CA ASN D 66 -7.31 -1.35 -19.19
C ASN D 66 -6.19 -2.20 -18.62
N THR D 67 -5.89 -3.35 -19.28
CA THR D 67 -4.79 -4.18 -18.84
C THR D 67 -3.46 -3.46 -19.00
N ALA D 68 -3.27 -2.77 -20.14
CA ALA D 68 -2.05 -1.98 -20.33
C ALA D 68 -1.93 -0.91 -19.27
N LYS D 69 -3.03 -0.19 -19.01
CA LYS D 69 -3.03 0.83 -17.99
C LYS D 69 -2.62 0.26 -16.63
N TYR D 70 -3.10 -0.95 -16.32
CA TYR D 70 -2.80 -1.58 -15.05
C TYR D 70 -1.29 -1.77 -14.88
N TYR D 71 -0.65 -2.46 -15.82
CA TYR D 71 0.78 -2.73 -15.67
C TYR D 71 1.62 -1.48 -15.81
N TYR D 72 1.14 -0.46 -16.51
CA TYR D 72 1.87 0.81 -16.49
C TYR D 72 1.88 1.39 -15.08
N THR D 73 0.80 1.18 -14.31
CA THR D 73 0.69 1.72 -12.96
C THR D 73 1.59 0.96 -11.99
N THR D 74 1.57 -0.38 -12.06
CA THR D 74 2.32 -1.15 -11.10
C THR D 74 3.79 -1.28 -11.49
N GLY D 75 4.11 -1.14 -12.77
CA GLY D 75 5.46 -1.36 -13.24
C GLY D 75 5.92 -2.80 -13.17
N GLY D 76 4.99 -3.76 -13.04
CA GLY D 76 5.38 -5.14 -12.85
C GLY D 76 5.86 -5.81 -14.12
N ASP D 77 6.53 -6.94 -13.93
CA ASP D 77 7.07 -7.70 -15.05
C ASP D 77 5.95 -8.37 -15.83
N VAL D 78 5.96 -8.18 -17.16
CA VAL D 78 4.96 -8.80 -18.02
C VAL D 78 5.66 -9.45 -19.21
N ARG D 79 4.94 -10.35 -19.87
CA ARG D 79 5.29 -10.84 -21.19
C ARG D 79 4.31 -10.23 -22.18
N ILE D 80 4.83 -9.72 -23.30
CA ILE D 80 4.02 -9.07 -24.32
C ILE D 80 4.08 -9.92 -25.58
N TYR D 81 2.92 -10.46 -26.00
CA TYR D 81 2.76 -11.12 -27.30
C TYR D 81 2.27 -10.11 -28.34
N TYR D 82 2.84 -10.18 -29.53
CA TYR D 82 2.58 -9.19 -30.56
C TYR D 82 2.80 -9.81 -31.93
N LYS D 83 2.38 -9.06 -32.95
CA LYS D 83 2.47 -9.49 -34.34
C LYS D 83 3.06 -8.36 -35.16
N GLU D 84 4.06 -8.68 -35.97
CA GLU D 84 4.78 -7.68 -36.76
C GLU D 84 4.02 -7.33 -38.03
N ASN D 85 4.24 -6.11 -38.52
CA ASN D 85 3.82 -5.69 -39.87
C ASN D 85 2.31 -5.80 -40.06
N VAL D 86 1.55 -5.19 -39.18
CA VAL D 86 0.10 -5.21 -39.27
C VAL D 86 -0.45 -3.89 -39.81
N TRP D 87 -0.11 -2.77 -39.20
CA TRP D 87 -0.77 -1.50 -39.55
C TRP D 87 -0.26 -1.02 -40.91
N ARG D 88 -1.18 -0.58 -41.77
CA ARG D 88 -0.84 -0.16 -43.12
C ARG D 88 -0.76 1.35 -43.29
N ASP D 89 -1.43 2.10 -42.41
CA ASP D 89 -1.36 3.55 -42.37
C ASP D 89 0.09 3.99 -42.19
N PRO D 90 0.72 4.58 -43.21
CA PRO D 90 2.15 4.92 -43.09
C PRO D 90 2.44 5.99 -42.04
N ASP D 91 1.54 6.96 -41.86
CA ASP D 91 1.73 7.94 -40.79
C ASP D 91 1.67 7.30 -39.42
N PHE D 92 0.77 6.33 -39.23
CA PHE D 92 0.67 5.68 -37.93
C PHE D 92 1.91 4.85 -37.65
N LYS D 93 2.36 4.04 -38.63
CA LYS D 93 3.54 3.21 -38.41
C LYS D 93 4.74 4.04 -38.00
N SER D 94 4.92 5.20 -38.63
CA SER D 94 6.07 6.06 -38.31
C SER D 94 5.91 6.69 -36.94
N ALA D 95 4.69 7.05 -36.57
CA ALA D 95 4.47 7.73 -35.30
C ALA D 95 4.49 6.75 -34.13
N PHE D 96 3.96 5.54 -34.33
CA PHE D 96 3.90 4.56 -33.26
C PHE D 96 4.59 3.26 -33.65
N SER D 97 3.85 2.28 -34.13
CA SER D 97 4.46 1.01 -34.50
C SER D 97 3.69 0.42 -35.67
N SER D 98 4.26 -0.62 -36.26
CA SER D 98 3.49 -1.47 -37.15
C SER D 98 2.94 -2.71 -36.43
N ARG D 99 3.25 -2.89 -35.14
CA ARG D 99 2.96 -4.13 -34.44
C ARG D 99 1.60 -4.09 -33.75
N GLU D 100 0.86 -5.20 -33.85
CA GLU D 100 -0.41 -5.36 -33.17
C GLU D 100 -0.21 -6.10 -31.85
N LEU D 101 -0.74 -5.53 -30.77
CA LEU D 101 -0.68 -6.17 -29.46
C LEU D 101 -1.67 -7.34 -29.40
N ILE D 102 -1.18 -8.51 -28.99
CA ILE D 102 -1.96 -9.75 -29.00
C ILE D 102 -2.34 -10.19 -27.58
N ALA D 103 -1.39 -10.18 -26.65
CA ALA D 103 -1.69 -10.67 -25.30
C ALA D 103 -0.72 -10.06 -24.31
N ILE D 104 -1.14 -9.98 -23.05
CA ILE D 104 -0.29 -9.56 -21.95
C ILE D 104 -0.44 -10.59 -20.83
N THR D 105 0.66 -11.18 -20.40
CA THR D 105 0.66 -12.13 -19.28
C THR D 105 1.63 -11.65 -18.20
N THR D 106 1.43 -12.14 -16.97
CA THR D 106 2.25 -11.76 -15.83
C THR D 106 3.50 -12.64 -15.71
N CYS D 107 4.57 -12.09 -15.14
CA CYS D 107 5.78 -12.85 -14.83
C CYS D 107 5.89 -12.93 -13.31
N SER D 108 5.77 -14.13 -12.78
CA SER D 108 5.83 -14.29 -11.33
C SER D 108 7.27 -14.37 -10.82
N SER D 109 8.24 -14.43 -11.72
CA SER D 109 9.65 -14.39 -11.34
C SER D 109 10.45 -13.94 -12.56
N SER D 110 11.74 -13.67 -12.32
CA SER D 110 12.68 -13.38 -13.39
C SER D 110 12.81 -14.54 -14.37
N SER D 111 12.37 -15.74 -13.98
CA SER D 111 12.47 -16.97 -14.76
C SER D 111 11.21 -17.34 -15.52
N TYR D 112 10.03 -17.00 -15.00
CA TYR D 112 8.78 -17.58 -15.50
C TYR D 112 7.76 -16.49 -15.82
N CYS D 113 7.19 -16.55 -17.02
CA CYS D 113 6.00 -15.78 -17.35
C CYS D 113 4.93 -16.75 -17.83
N MET D 114 3.68 -16.47 -17.47
CA MET D 114 2.59 -17.35 -17.87
C MET D 114 2.39 -17.29 -19.37
N GLY D 115 1.98 -18.41 -19.95
CA GLY D 115 1.65 -18.47 -21.34
C GLY D 115 2.61 -19.33 -22.15
N PRO D 116 2.26 -19.60 -23.39
CA PRO D 116 3.08 -20.51 -24.21
C PRO D 116 4.38 -19.87 -24.66
N THR D 117 5.40 -20.73 -24.78
CA THR D 117 6.72 -20.36 -25.28
C THR D 117 7.07 -21.19 -26.51
N VAL D 118 8.10 -20.75 -27.24
CA VAL D 118 8.58 -21.52 -28.40
C VAL D 118 10.03 -21.99 -28.19
N ALA E 1 -43.90 5.58 1.56
CA ALA E 1 -42.47 5.29 1.56
C ALA E 1 -42.04 4.60 0.26
N MET E 2 -40.73 4.49 0.05
CA MET E 2 -40.24 3.88 -1.19
C MET E 2 -40.46 2.38 -1.16
N ALA E 3 -41.12 1.86 -2.18
CA ALA E 3 -41.39 0.43 -2.26
C ALA E 3 -40.07 -0.34 -2.36
N ASP E 4 -39.98 -1.42 -1.57
CA ASP E 4 -38.82 -2.30 -1.47
C ASP E 4 -37.65 -1.64 -0.74
N TYR E 5 -37.92 -0.67 0.13
CA TYR E 5 -36.87 -0.02 0.90
C TYR E 5 -37.17 -0.06 2.40
N ASP E 6 -38.07 -0.95 2.83
CA ASP E 6 -38.46 -1.00 4.23
C ASP E 6 -37.61 -1.96 5.05
N THR E 7 -36.78 -2.78 4.42
CA THR E 7 -36.00 -3.78 5.13
C THR E 7 -34.51 -3.55 4.85
N TYR E 8 -33.76 -3.34 5.91
CA TYR E 8 -32.36 -2.98 5.76
C TYR E 8 -31.62 -3.30 7.06
N VAL E 9 -30.30 -3.40 6.95
CA VAL E 9 -29.41 -3.50 8.09
C VAL E 9 -28.38 -2.37 7.97
N SER E 10 -28.09 -1.73 9.09
CA SER E 10 -27.33 -0.50 9.12
C SER E 10 -25.98 -0.73 9.78
N ASN E 11 -24.99 0.07 9.35
CA ASN E 11 -23.66 0.07 9.96
C ASN E 11 -23.04 -1.33 9.94
N VAL E 12 -23.14 -2.00 8.81
CA VAL E 12 -22.52 -3.29 8.61
C VAL E 12 -21.31 -3.09 7.70
N GLN E 13 -20.52 -4.14 7.53
CA GLN E 13 -19.40 -4.14 6.60
C GLN E 13 -19.53 -5.37 5.74
N ILE E 14 -19.14 -5.24 4.48
CA ILE E 14 -19.12 -6.38 3.56
C ILE E 14 -17.79 -7.08 3.77
N ASN E 15 -17.82 -8.31 4.29
CA ASN E 15 -16.58 -9.04 4.55
C ASN E 15 -16.42 -10.27 3.70
N ASN E 16 -17.33 -10.53 2.76
CA ASN E 16 -17.17 -11.60 1.79
C ASN E 16 -17.92 -11.27 0.52
N LEU E 17 -17.45 -11.85 -0.60
CA LEU E 17 -18.02 -11.67 -1.92
C LEU E 17 -18.01 -12.98 -2.66
N SER E 18 -19.04 -13.20 -3.48
CA SER E 18 -19.09 -14.29 -4.42
C SER E 18 -19.53 -13.72 -5.76
N TYR E 19 -18.87 -14.16 -6.84
CA TYR E 19 -19.33 -13.88 -8.19
C TYR E 19 -19.21 -15.15 -9.03
N GLY E 20 -20.26 -15.48 -9.78
CA GLY E 20 -20.22 -16.71 -10.57
C GLY E 20 -21.21 -16.70 -11.70
N VAL E 21 -21.03 -17.65 -12.61
CA VAL E 21 -21.99 -17.92 -13.67
C VAL E 21 -22.68 -19.24 -13.34
N TYR E 22 -23.94 -19.35 -13.72
CA TYR E 22 -24.80 -20.41 -13.20
C TYR E 22 -26.06 -20.52 -14.06
N THR E 23 -26.43 -21.75 -14.41
CA THR E 23 -27.68 -22.05 -15.07
C THR E 23 -28.75 -22.27 -14.00
N SER E 24 -29.88 -21.57 -14.13
CA SER E 24 -30.94 -21.66 -13.13
C SER E 24 -32.28 -21.49 -13.85
N GLY E 25 -33.18 -22.46 -13.66
CA GLY E 25 -34.43 -22.49 -14.39
C GLY E 25 -34.26 -22.44 -15.89
N GLY E 26 -33.31 -23.20 -16.42
CA GLY E 26 -33.09 -23.20 -17.85
C GLY E 26 -32.55 -21.90 -18.45
N LYS E 27 -32.06 -20.97 -17.63
CA LYS E 27 -31.50 -19.73 -18.17
C LYS E 27 -30.07 -19.55 -17.70
N GLU E 28 -29.25 -18.95 -18.56
CA GLU E 28 -27.86 -18.66 -18.21
C GLU E 28 -27.80 -17.35 -17.45
N THR E 29 -27.24 -17.38 -16.24
CA THR E 29 -27.24 -16.20 -15.38
C THR E 29 -25.82 -15.87 -14.94
N GLN E 30 -25.69 -14.63 -14.48
CA GLN E 30 -24.64 -14.19 -13.58
C GLN E 30 -25.26 -13.89 -12.23
N PHE E 31 -24.47 -14.03 -11.17
CA PHE E 31 -24.94 -13.64 -9.87
C PHE E 31 -23.75 -13.12 -9.09
N PHE E 32 -24.04 -12.34 -8.06
CA PHE E 32 -23.09 -12.06 -7.01
C PHE E 32 -23.85 -11.97 -5.70
N CYS E 33 -23.15 -12.29 -4.61
CA CYS E 33 -23.69 -12.22 -3.26
C CYS E 33 -22.67 -11.51 -2.37
N ILE E 34 -23.18 -10.85 -1.34
CA ILE E 34 -22.35 -10.12 -0.39
C ILE E 34 -22.54 -10.78 0.97
N GLY E 35 -21.42 -11.00 1.66
CA GLY E 35 -21.44 -11.45 3.04
C GLY E 35 -21.21 -10.26 3.95
N LEU E 36 -21.87 -10.27 5.09
CA LEU E 36 -21.87 -9.12 5.99
C LEU E 36 -21.38 -9.52 7.36
N LYS E 37 -20.81 -8.54 8.06
CA LYS E 37 -20.59 -8.61 9.50
C LYS E 37 -20.96 -7.26 10.08
N HIS E 38 -21.08 -7.21 11.41
CA HIS E 38 -21.41 -5.99 12.14
C HIS E 38 -20.30 -5.75 13.16
N GLY E 39 -19.21 -5.16 12.70
CA GLY E 39 -18.06 -4.97 13.56
C GLY E 39 -17.38 -6.28 13.91
N SER E 40 -17.26 -6.59 15.19
CA SER E 40 -16.66 -7.86 15.59
C SER E 40 -17.71 -8.96 15.74
N GLU E 41 -18.96 -8.68 15.37
CA GLU E 41 -20.10 -9.56 15.62
C GLU E 41 -20.56 -10.20 14.31
N ALA E 42 -20.95 -11.46 14.38
CA ALA E 42 -21.67 -12.10 13.29
C ALA E 42 -23.14 -11.75 13.38
N ILE E 43 -23.79 -11.59 12.23
CA ILE E 43 -25.21 -11.32 12.18
C ILE E 43 -25.87 -12.39 11.35
N SER E 44 -27.10 -12.75 11.73
CA SER E 44 -27.81 -13.82 11.05
C SER E 44 -28.22 -13.42 9.64
N ILE E 45 -28.61 -12.17 9.45
CA ILE E 45 -28.94 -11.64 8.11
C ILE E 45 -27.63 -11.21 7.48
N ASN E 46 -26.93 -12.15 6.84
CA ASN E 46 -25.54 -11.92 6.47
C ASN E 46 -25.22 -12.19 5.01
N ALA E 47 -26.22 -12.48 4.17
CA ALA E 47 -25.96 -12.79 2.77
C ALA E 47 -27.19 -12.38 1.96
N MET E 48 -26.95 -11.63 0.90
CA MET E 48 -27.97 -11.20 -0.04
C MET E 48 -27.31 -11.00 -1.40
N CYS E 49 -28.09 -11.28 -2.44
CA CYS E 49 -27.58 -11.55 -3.77
C CYS E 49 -28.36 -10.77 -4.81
N LYS E 50 -27.81 -10.78 -6.02
CA LYS E 50 -28.40 -10.14 -7.18
C LYS E 50 -28.06 -10.98 -8.40
N VAL E 51 -29.04 -11.15 -9.28
CA VAL E 51 -28.95 -12.01 -10.44
C VAL E 51 -29.30 -11.19 -11.68
N ASP E 52 -28.55 -11.38 -12.77
CA ASP E 52 -28.69 -10.45 -13.89
C ASP E 52 -30.01 -10.65 -14.65
N VAL E 53 -30.52 -11.87 -14.72
CA VAL E 53 -31.74 -12.12 -15.50
C VAL E 53 -32.89 -12.61 -14.61
N TYR E 54 -32.79 -12.43 -13.29
CA TYR E 54 -33.86 -12.80 -12.36
C TYR E 54 -34.00 -11.71 -11.31
N GLY E 55 -35.11 -11.73 -10.60
CA GLY E 55 -35.34 -10.85 -9.47
C GLY E 55 -36.40 -9.80 -9.74
N ASN E 56 -36.74 -9.09 -8.67
CA ASN E 56 -37.72 -8.01 -8.77
C ASN E 56 -37.18 -6.82 -9.55
N HIS E 57 -35.87 -6.59 -9.50
CA HIS E 57 -35.24 -5.53 -10.29
C HIS E 57 -33.99 -6.10 -10.96
N LYS E 58 -34.11 -6.40 -12.26
CA LYS E 58 -32.99 -6.95 -13.01
C LYS E 58 -31.99 -5.90 -13.46
N GLN E 59 -32.35 -4.63 -13.45
CA GLN E 59 -31.43 -3.59 -13.90
C GLN E 59 -30.32 -3.37 -12.87
N GLY E 60 -29.24 -2.76 -13.33
CA GLY E 60 -28.14 -2.37 -12.46
C GLY E 60 -27.24 -3.50 -11.99
N PHE E 61 -27.13 -4.58 -12.74
CA PHE E 61 -26.34 -5.71 -12.26
C PHE E 61 -24.87 -5.34 -12.12
N ASP E 62 -24.27 -4.77 -13.17
CA ASP E 62 -22.85 -4.39 -13.11
C ASP E 62 -22.62 -3.28 -12.09
N ASN E 63 -23.52 -2.27 -12.06
CA ASN E 63 -23.32 -1.17 -11.13
C ASN E 63 -23.44 -1.63 -9.68
N MET E 64 -24.43 -2.46 -9.37
CA MET E 64 -24.49 -3.02 -8.02
C MET E 64 -23.26 -3.85 -7.72
N LEU E 65 -22.84 -4.71 -8.68
CA LEU E 65 -21.66 -5.53 -8.47
C LEU E 65 -20.43 -4.68 -8.17
N ASN E 66 -20.16 -3.66 -9.01
CA ASN E 66 -19.00 -2.81 -8.79
C ASN E 66 -19.11 -2.04 -7.47
N THR E 67 -20.31 -1.57 -7.14
CA THR E 67 -20.50 -0.91 -5.85
C THR E 67 -20.16 -1.87 -4.69
N ALA E 68 -20.69 -3.09 -4.74
CA ALA E 68 -20.40 -4.08 -3.69
C ALA E 68 -18.89 -4.32 -3.55
N LYS E 69 -18.19 -4.50 -4.68
CA LYS E 69 -16.73 -4.66 -4.64
C LYS E 69 -16.05 -3.48 -3.96
N TYR E 70 -16.57 -2.26 -4.16
CA TYR E 70 -15.91 -1.09 -3.61
C TYR E 70 -15.95 -1.11 -2.09
N TYR E 71 -17.12 -1.35 -1.50
CA TYR E 71 -17.20 -1.37 -0.04
C TYR E 71 -16.57 -2.62 0.55
N TYR E 72 -16.44 -3.69 -0.23
CA TYR E 72 -15.57 -4.77 0.20
C TYR E 72 -14.11 -4.31 0.24
N THR E 73 -13.67 -3.59 -0.79
CA THR E 73 -12.33 -3.03 -0.81
C THR E 73 -12.03 -2.18 0.43
N THR E 74 -12.92 -1.23 0.76
CA THR E 74 -12.64 -0.26 1.81
C THR E 74 -12.96 -0.79 3.20
N GLY E 75 -13.81 -1.80 3.30
CA GLY E 75 -14.32 -2.23 4.58
C GLY E 75 -15.11 -1.18 5.33
N GLY E 76 -15.58 -0.13 4.66
CA GLY E 76 -16.33 0.93 5.32
C GLY E 76 -17.70 0.47 5.78
N ASP E 77 -18.37 1.32 6.56
CA ASP E 77 -19.69 0.98 7.08
C ASP E 77 -20.76 1.35 6.06
N VAL E 78 -21.71 0.44 5.84
CA VAL E 78 -22.74 0.65 4.85
C VAL E 78 -24.08 0.24 5.43
N ARG E 79 -25.15 0.69 4.76
CA ARG E 79 -26.49 0.19 5.00
C ARG E 79 -26.88 -0.65 3.78
N ILE E 80 -27.43 -1.83 4.03
CA ILE E 80 -27.81 -2.75 2.98
C ILE E 80 -29.33 -2.81 3.00
N TYR E 81 -29.96 -2.35 1.92
CA TYR E 81 -31.39 -2.56 1.70
C TYR E 81 -31.57 -3.85 0.90
N TYR E 82 -32.51 -4.68 1.33
CA TYR E 82 -32.69 -5.98 0.70
C TYR E 82 -34.15 -6.41 0.83
N LYS E 83 -34.49 -7.46 0.11
CA LYS E 83 -35.84 -8.00 0.06
C LYS E 83 -35.80 -9.49 0.37
N GLU E 84 -36.68 -9.92 1.27
CA GLU E 84 -36.73 -11.32 1.69
C GLU E 84 -37.48 -12.19 0.69
N ASN E 85 -37.14 -13.49 0.69
CA ASN E 85 -37.90 -14.55 0.01
C ASN E 85 -38.11 -14.27 -1.48
N VAL E 86 -37.01 -13.98 -2.17
CA VAL E 86 -37.02 -13.72 -3.60
C VAL E 86 -36.59 -14.95 -4.39
N TRP E 87 -35.39 -15.46 -4.11
CA TRP E 87 -34.84 -16.53 -4.96
C TRP E 87 -35.53 -17.86 -4.69
N ARG E 88 -35.92 -18.55 -5.75
CA ARG E 88 -36.70 -19.77 -5.67
C ARG E 88 -35.90 -21.03 -6.03
N ASP E 89 -34.75 -20.89 -6.69
CA ASP E 89 -33.82 -22.00 -6.90
C ASP E 89 -33.38 -22.59 -5.56
N PRO E 90 -33.78 -23.81 -5.22
CA PRO E 90 -33.46 -24.34 -3.87
C PRO E 90 -31.97 -24.55 -3.63
N ASP E 91 -31.21 -24.95 -4.66
CA ASP E 91 -29.76 -25.05 -4.52
C ASP E 91 -29.13 -23.69 -4.33
N PHE E 92 -29.65 -22.65 -5.00
CA PHE E 92 -29.07 -21.32 -4.82
C PHE E 92 -29.41 -20.77 -3.43
N LYS E 93 -30.66 -20.94 -3.00
CA LYS E 93 -31.11 -20.38 -1.73
C LYS E 93 -30.36 -21.00 -0.55
N SER E 94 -30.12 -22.30 -0.58
CA SER E 94 -29.38 -22.91 0.53
C SER E 94 -27.90 -22.58 0.47
N ALA E 95 -27.34 -22.43 -0.73
CA ALA E 95 -25.94 -22.02 -0.81
C ALA E 95 -25.74 -20.59 -0.32
N PHE E 96 -26.65 -19.66 -0.65
CA PHE E 96 -26.51 -18.27 -0.24
C PHE E 96 -27.69 -17.88 0.61
N SER E 97 -28.72 -17.23 0.05
CA SER E 97 -29.95 -16.96 0.78
C SER E 97 -31.04 -16.68 -0.23
N SER E 98 -32.22 -16.35 0.28
CA SER E 98 -33.35 -15.98 -0.54
C SER E 98 -33.39 -14.48 -0.86
N ARG E 99 -32.44 -13.70 -0.37
CA ARG E 99 -32.55 -12.25 -0.33
C ARG E 99 -32.04 -11.57 -1.60
N GLU E 100 -32.84 -10.67 -2.15
CA GLU E 100 -32.42 -9.84 -3.27
C GLU E 100 -31.87 -8.53 -2.74
N LEU E 101 -30.72 -8.13 -3.28
CA LEU E 101 -30.03 -6.91 -2.87
C LEU E 101 -30.64 -5.72 -3.63
N ILE E 102 -31.03 -4.68 -2.89
CA ILE E 102 -31.80 -3.58 -3.44
C ILE E 102 -30.99 -2.29 -3.53
N ALA E 103 -30.19 -1.99 -2.50
CA ALA E 103 -29.42 -0.76 -2.48
C ALA E 103 -28.30 -0.87 -1.47
N ILE E 104 -27.27 -0.04 -1.67
CA ILE E 104 -26.16 0.10 -0.73
C ILE E 104 -25.91 1.59 -0.54
N THR E 105 -25.90 2.03 0.71
CA THR E 105 -25.60 3.42 1.04
C THR E 105 -24.50 3.45 2.11
N THR E 106 -23.81 4.59 2.19
CA THR E 106 -22.72 4.74 3.16
C THR E 106 -23.24 5.23 4.51
N CYS E 107 -22.45 4.93 5.55
CA CYS E 107 -22.65 5.44 6.90
C CYS E 107 -21.45 6.32 7.25
N SER E 108 -21.67 7.63 7.31
CA SER E 108 -20.59 8.54 7.68
C SER E 108 -20.38 8.62 9.19
N SER E 109 -21.23 7.99 10.00
CA SER E 109 -20.98 7.88 11.43
C SER E 109 -21.66 6.63 11.95
N SER E 110 -21.33 6.30 13.19
CA SER E 110 -21.90 5.12 13.83
C SER E 110 -23.42 5.21 13.97
N SER E 111 -24.00 6.40 13.83
CA SER E 111 -25.43 6.58 14.02
C SER E 111 -26.17 7.05 12.78
N TYR E 112 -25.48 7.38 11.68
CA TYR E 112 -26.14 7.91 10.48
C TYR E 112 -25.72 7.12 9.25
N CYS E 113 -26.69 6.66 8.46
CA CYS E 113 -26.44 6.17 7.11
C CYS E 113 -27.41 6.85 6.16
N MET E 114 -27.03 6.92 4.91
CA MET E 114 -27.81 7.63 3.91
C MET E 114 -29.05 6.81 3.54
N GLY E 115 -30.14 7.50 3.25
CA GLY E 115 -31.34 6.82 2.80
C GLY E 115 -32.45 6.79 3.82
N PRO E 116 -33.61 6.28 3.41
CA PRO E 116 -34.79 6.30 4.29
C PRO E 116 -34.73 5.24 5.39
N THR E 117 -35.35 5.58 6.52
CA THR E 117 -35.47 4.66 7.64
C THR E 117 -36.95 4.48 7.97
N VAL E 118 -37.22 3.51 8.85
CA VAL E 118 -38.58 3.24 9.33
C VAL E 118 -38.58 3.33 10.84
N THR E 119 -39.75 3.65 11.41
CA THR E 119 -39.90 3.73 12.85
C THR E 119 -40.59 2.49 13.43
N ASN F 1 22.13 -1.45 16.72
CA ASN F 1 22.79 -0.27 17.23
C ASN F 1 22.16 0.11 18.57
N ILE F 2 22.90 0.87 19.39
CA ILE F 2 22.37 1.25 20.71
C ILE F 2 21.06 2.02 20.55
N SER F 3 21.00 2.90 19.56
CA SER F 3 19.82 3.72 19.36
C SER F 3 18.57 2.91 19.00
N ASP F 4 18.72 1.64 18.60
CA ASP F 4 17.55 0.80 18.31
C ASP F 4 16.81 0.35 19.56
N TYR F 5 17.38 0.50 20.75
CA TYR F 5 16.79 0.02 21.99
C TYR F 5 16.41 1.17 22.91
N LYS F 6 15.36 0.96 23.70
CA LYS F 6 15.06 1.86 24.82
C LYS F 6 15.82 1.32 26.01
N VAL F 7 16.81 2.09 26.47
CA VAL F 7 17.69 1.69 27.56
C VAL F 7 17.38 2.56 28.78
N MET F 8 17.62 2.01 29.96
CA MET F 8 17.34 2.70 31.22
C MET F 8 18.23 2.11 32.32
N THR F 9 18.65 2.97 33.25
CA THR F 9 19.33 2.52 34.47
C THR F 9 18.52 3.00 35.67
N TRP F 10 18.44 2.18 36.72
CA TRP F 10 17.78 2.60 37.95
C TRP F 10 18.42 1.89 39.13
N ASN F 11 18.73 2.65 40.19
CA ASN F 11 19.27 2.12 41.44
C ASN F 11 18.12 1.93 42.44
N LEU F 12 18.01 0.71 42.98
CA LEU F 12 16.89 0.34 43.85
C LEU F 12 16.98 0.89 45.27
N GLN F 13 18.19 1.22 45.74
CA GLN F 13 18.42 1.76 47.09
C GLN F 13 17.58 2.99 47.35
N GLY F 14 16.65 2.91 48.31
CA GLY F 14 15.78 4.04 48.50
C GLY F 14 14.98 4.10 49.79
N SER F 15 13.69 3.80 49.71
CA SER F 15 12.78 4.06 50.82
C SER F 15 12.22 2.78 51.44
N SER F 16 11.06 2.91 52.08
CA SER F 16 10.52 1.83 52.91
C SER F 16 10.05 0.62 52.10
N ALA F 17 9.73 0.78 50.82
CA ALA F 17 9.31 -0.34 50.00
C ALA F 17 10.44 -1.35 49.83
N SER F 18 10.10 -2.64 49.83
CA SER F 18 11.12 -3.67 49.68
C SER F 18 11.40 -3.90 48.20
N THR F 19 12.40 -4.75 47.93
CA THR F 19 12.81 -5.00 46.56
C THR F 19 11.71 -5.69 45.75
N GLU F 20 10.94 -6.58 46.40
CA GLU F 20 9.87 -7.28 45.70
C GLU F 20 8.83 -6.31 45.17
N SER F 21 8.38 -5.38 46.01
CA SER F 21 7.46 -4.33 45.56
C SER F 21 8.08 -3.48 44.45
N LYS F 22 9.39 -3.21 44.53
CA LYS F 22 10.04 -2.40 43.50
C LYS F 22 10.06 -3.12 42.15
N TRP F 23 10.21 -4.45 42.18
CA TRP F 23 10.13 -5.23 40.95
C TRP F 23 8.72 -5.24 40.40
N ASN F 24 7.75 -5.65 41.22
CA ASN F 24 6.43 -5.97 40.72
C ASN F 24 5.58 -4.75 40.37
N VAL F 25 5.93 -3.58 40.91
CA VAL F 25 5.20 -2.34 40.66
C VAL F 25 6.00 -1.39 39.77
N ASN F 26 7.23 -1.05 40.17
CA ASN F 26 7.97 -0.02 39.45
C ASN F 26 8.64 -0.56 38.21
N VAL F 27 9.47 -1.60 38.35
CA VAL F 27 10.16 -2.18 37.21
C VAL F 27 9.14 -2.65 36.17
N ARG F 28 8.02 -3.24 36.61
CA ARG F 28 6.97 -3.68 35.70
C ARG F 28 6.42 -2.51 34.90
N GLN F 29 5.97 -1.47 35.61
CA GLN F 29 5.62 -0.18 35.00
C GLN F 29 6.60 0.19 33.89
N LEU F 30 7.90 0.13 34.18
CA LEU F 30 8.90 0.67 33.26
C LEU F 30 9.09 -0.20 32.04
N LEU F 31 8.96 -1.53 32.17
CA LEU F 31 9.17 -2.44 31.06
C LEU F 31 7.90 -2.79 30.29
N SER F 32 6.72 -2.62 30.88
CA SER F 32 5.48 -3.17 30.32
C SER F 32 5.17 -2.61 28.94
N GLY F 33 4.58 -3.47 28.10
CA GLY F 33 4.14 -3.05 26.78
C GLY F 33 5.25 -3.17 25.74
N THR F 34 4.82 -3.04 24.47
CA THR F 34 5.80 -2.98 23.38
C THR F 34 6.59 -1.67 23.44
N ALA F 35 5.99 -0.58 23.93
CA ALA F 35 6.71 0.66 24.11
C ALA F 35 7.52 0.72 25.42
N GLY F 36 7.53 -0.35 26.22
CA GLY F 36 8.31 -0.36 27.44
C GLY F 36 9.82 -0.36 27.18
N VAL F 37 10.57 -0.22 28.27
CA VAL F 37 12.04 -0.21 28.20
C VAL F 37 12.53 -1.59 27.77
N ASP F 38 13.47 -1.61 26.83
CA ASP F 38 14.00 -2.86 26.30
C ASP F 38 15.13 -3.42 27.13
N ILE F 39 16.00 -2.52 27.61
CA ILE F 39 17.18 -2.86 28.38
C ILE F 39 17.16 -2.02 29.64
N LEU F 40 17.11 -2.67 30.79
CA LEU F 40 17.05 -1.97 32.07
C LEU F 40 18.25 -2.41 32.89
N MET F 41 19.10 -1.46 33.26
CA MET F 41 20.20 -1.77 34.18
C MET F 41 19.74 -1.42 35.60
N VAL F 42 19.95 -2.35 36.52
CA VAL F 42 19.47 -2.23 37.88
C VAL F 42 20.65 -2.42 38.82
N GLN F 43 20.75 -1.56 39.83
CA GLN F 43 21.80 -1.67 40.85
C GLN F 43 21.15 -1.94 42.20
N GLU F 44 21.93 -2.59 43.07
CA GLU F 44 21.50 -2.95 44.42
C GLU F 44 20.16 -3.67 44.40
N ALA F 45 20.11 -4.74 43.61
CA ALA F 45 19.00 -5.68 43.58
C ALA F 45 19.52 -6.96 44.19
N GLY F 46 19.22 -7.18 45.47
CA GLY F 46 19.66 -8.38 46.14
C GLY F 46 18.91 -9.62 45.71
N ALA F 47 17.71 -9.45 45.13
CA ALA F 47 16.90 -10.58 44.69
C ALA F 47 16.15 -10.18 43.43
N VAL F 48 15.91 -11.17 42.57
CA VAL F 48 15.05 -11.00 41.41
C VAL F 48 13.61 -11.17 41.87
N PRO F 49 12.59 -10.88 41.05
CA PRO F 49 11.20 -11.10 41.48
C PRO F 49 10.96 -12.54 41.88
N THR F 50 10.10 -12.72 42.89
CA THR F 50 9.61 -14.06 43.21
C THR F 50 8.88 -14.73 42.05
N SER F 51 8.36 -13.95 41.09
CA SER F 51 7.77 -14.51 39.88
C SER F 51 8.80 -15.09 38.93
N ALA F 52 10.07 -14.70 39.06
CA ALA F 52 11.09 -15.12 38.11
C ALA F 52 11.34 -16.61 38.21
N VAL F 53 11.68 -17.22 37.07
CA VAL F 53 11.89 -18.66 36.97
C VAL F 53 13.30 -18.91 36.46
N PRO F 54 14.16 -19.59 37.21
CA PRO F 54 15.49 -19.91 36.71
C PRO F 54 15.44 -20.75 35.44
N THR F 55 16.35 -20.47 34.51
CA THR F 55 16.48 -21.24 33.28
C THR F 55 17.50 -22.35 33.37
N GLY F 56 18.36 -22.34 34.37
CA GLY F 56 19.38 -23.38 34.45
C GLY F 56 20.52 -23.22 33.48
N ARG F 57 20.53 -22.16 32.69
CA ARG F 57 21.60 -21.94 31.72
C ARG F 57 22.92 -21.74 32.44
N HIS F 58 23.88 -22.60 32.11
CA HIS F 58 25.23 -22.48 32.71
C HIS F 58 25.97 -21.41 31.93
N ILE F 59 25.96 -20.19 32.47
CA ILE F 59 26.60 -19.04 31.78
C ILE F 59 28.09 -19.04 32.04
N GLN F 60 28.89 -19.27 31.01
CA GLN F 60 30.34 -19.14 31.19
C GLN F 60 30.62 -17.83 30.48
N PRO F 61 30.81 -16.52 31.19
CA PRO F 61 31.00 -15.14 30.76
C PRO F 61 32.39 -14.93 30.17
N PHE F 62 32.44 -14.03 29.20
CA PHE F 62 33.72 -13.44 28.79
C PHE F 62 34.29 -12.61 29.92
N GLY F 63 35.62 -12.53 29.98
CA GLY F 63 36.29 -11.79 31.04
C GLY F 63 36.64 -12.70 32.23
N VAL F 64 35.94 -12.51 33.35
CA VAL F 64 36.14 -13.35 34.52
C VAL F 64 34.83 -14.09 34.79
N GLY F 65 34.95 -15.26 35.42
CA GLY F 65 33.81 -16.12 35.64
C GLY F 65 33.20 -16.07 37.03
N ILE F 66 32.34 -15.07 37.27
CA ILE F 66 31.55 -15.01 38.49
C ILE F 66 30.17 -15.57 38.15
N PRO F 67 29.43 -16.11 39.12
CA PRO F 67 28.16 -16.78 38.78
C PRO F 67 27.09 -15.76 38.40
N ILE F 68 26.58 -15.87 37.18
CA ILE F 68 25.46 -15.09 36.69
C ILE F 68 24.28 -16.04 36.49
N ASP F 69 23.13 -15.69 37.05
CA ASP F 69 21.94 -16.52 36.98
C ASP F 69 20.95 -15.92 35.99
N GLU F 70 20.49 -16.74 35.06
CA GLU F 70 19.47 -16.31 34.10
C GLU F 70 18.07 -16.67 34.58
N TYR F 71 17.14 -15.75 34.37
CA TYR F 71 15.75 -15.93 34.78
C TYR F 71 14.82 -15.48 33.66
N THR F 72 13.69 -16.15 33.56
CA THR F 72 12.58 -15.63 32.79
C THR F 72 11.59 -14.97 33.76
N TRP F 73 10.87 -13.98 33.25
CA TRP F 73 9.95 -13.19 34.07
C TRP F 73 8.79 -12.75 33.19
N ASN F 74 7.60 -13.25 33.48
CA ASN F 74 6.42 -12.95 32.68
C ASN F 74 5.76 -11.69 33.19
N LEU F 75 5.64 -10.69 32.32
CA LEU F 75 4.96 -9.43 32.62
C LEU F 75 3.51 -9.41 32.16
N GLY F 76 3.09 -10.50 31.53
CA GLY F 76 1.71 -10.61 31.06
C GLY F 76 0.94 -11.66 31.83
N THR F 77 0.24 -12.54 31.12
CA THR F 77 -0.58 -13.57 31.78
C THR F 77 -0.13 -14.96 31.34
N THR F 78 -0.88 -15.97 31.75
CA THR F 78 -0.52 -17.35 31.38
C THR F 78 -0.93 -17.58 29.94
N SER F 79 -1.97 -16.87 29.50
CA SER F 79 -2.46 -17.03 28.12
C SER F 79 -1.66 -16.10 27.19
N ARG F 80 -1.53 -14.83 27.57
CA ARG F 80 -0.78 -13.82 26.77
C ARG F 80 0.58 -13.59 27.45
N GLN F 81 1.60 -14.37 27.10
CA GLN F 81 2.92 -14.21 27.73
C GLN F 81 3.66 -12.97 27.24
N ASP F 82 4.50 -12.41 28.10
CA ASP F 82 5.44 -11.29 27.82
C ASP F 82 6.69 -11.62 28.64
N ILE F 83 7.57 -12.42 28.05
CA ILE F 83 8.73 -12.97 28.73
C ILE F 83 9.91 -12.02 28.58
N ARG F 84 10.44 -11.55 29.71
CA ARG F 84 11.69 -10.80 29.77
C ARG F 84 12.75 -11.66 30.44
N TYR F 85 14.01 -11.42 30.09
CA TYR F 85 15.12 -12.18 30.63
C TYR F 85 15.85 -11.34 31.66
N ILE F 86 16.13 -11.93 32.83
CA ILE F 86 16.85 -11.28 33.90
C ILE F 86 18.21 -11.95 34.04
N TYR F 87 19.27 -11.14 34.11
CA TYR F 87 20.62 -11.62 34.35
C TYR F 87 21.11 -10.98 35.65
N HIS F 88 21.25 -11.80 36.69
CA HIS F 88 21.47 -11.30 38.03
C HIS F 88 22.81 -11.81 38.55
N SER F 89 23.58 -10.91 39.17
CA SER F 89 24.81 -11.24 39.86
C SER F 89 24.59 -11.05 41.36
N ALA F 90 24.46 -12.17 42.07
CA ALA F 90 24.21 -12.14 43.51
C ALA F 90 25.46 -11.77 44.28
N ILE F 91 26.44 -12.68 44.34
CA ILE F 91 27.64 -12.49 45.14
C ILE F 91 28.87 -12.74 44.30
N ASP F 92 29.98 -12.19 44.78
CA ASP F 92 31.31 -12.34 44.22
C ASP F 92 32.19 -13.07 45.22
N VAL F 93 33.09 -13.91 44.71
CA VAL F 93 34.06 -14.70 45.51
C VAL F 93 33.41 -15.11 46.85
N GLY F 94 34.15 -15.05 47.96
CA GLY F 94 33.53 -15.16 49.26
C GLY F 94 32.86 -13.87 49.70
N ALA F 95 31.58 -13.95 50.02
CA ALA F 95 30.75 -12.80 50.39
C ALA F 95 30.60 -11.83 49.23
N ARG F 96 31.00 -10.56 49.42
CA ARG F 96 30.87 -9.48 48.44
C ARG F 96 29.50 -9.45 47.74
N ARG F 97 28.47 -8.77 48.23
CA ARG F 97 27.22 -8.85 47.49
C ARG F 97 27.31 -7.77 46.38
N VAL F 98 27.16 -8.21 45.13
CA VAL F 98 27.27 -7.39 43.94
C VAL F 98 25.96 -6.67 43.65
N ASN F 99 24.88 -7.44 43.55
CA ASN F 99 23.52 -6.92 43.46
C ASN F 99 23.30 -6.10 42.19
N LEU F 100 23.91 -6.54 41.09
CA LEU F 100 23.68 -5.95 39.78
C LEU F 100 22.80 -6.86 38.94
N ALA F 101 21.95 -6.25 38.10
CA ALA F 101 21.07 -7.00 37.22
C ALA F 101 20.83 -6.22 35.94
N ILE F 102 20.60 -6.96 34.85
CA ILE F 102 20.17 -6.40 33.57
C ILE F 102 18.94 -7.18 33.10
N VAL F 103 17.88 -6.44 32.75
CA VAL F 103 16.64 -7.03 32.24
C VAL F 103 16.57 -6.75 30.75
N SER F 104 16.34 -7.80 29.97
CA SER F 104 16.36 -7.71 28.52
C SER F 104 15.08 -8.30 27.94
N ARG F 105 14.62 -7.69 26.85
CA ARG F 105 13.46 -8.21 26.13
C ARG F 105 13.76 -9.49 25.36
N GLN F 106 15.04 -9.81 25.14
CA GLN F 106 15.47 -10.96 24.37
C GLN F 106 16.57 -11.72 25.11
N ARG F 107 16.66 -13.03 24.85
CA ARG F 107 17.72 -13.84 25.45
C ARG F 107 19.09 -13.37 25.01
N ALA F 108 20.03 -13.31 25.96
CA ALA F 108 21.37 -12.80 25.67
C ALA F 108 22.18 -13.84 24.92
N ASP F 109 22.85 -13.40 23.85
CA ASP F 109 23.77 -14.28 23.14
C ASP F 109 25.02 -14.54 23.95
N ASN F 110 25.56 -13.51 24.57
CA ASN F 110 26.78 -13.59 25.35
C ASN F 110 26.63 -12.75 26.61
N VAL F 111 27.45 -13.09 27.61
CA VAL F 111 27.50 -12.37 28.87
C VAL F 111 28.95 -11.97 29.13
N TYR F 112 29.14 -10.79 29.71
CA TYR F 112 30.46 -10.25 29.96
C TYR F 112 30.59 -9.84 31.41
N VAL F 113 31.74 -10.15 32.01
CA VAL F 113 32.04 -9.72 33.37
C VAL F 113 33.46 -9.19 33.40
N LEU F 114 33.61 -7.93 33.84
CA LEU F 114 34.89 -7.24 33.91
C LEU F 114 35.14 -6.76 35.33
N ARG F 115 36.41 -6.74 35.73
CA ARG F 115 36.79 -6.16 37.02
C ARG F 115 37.81 -5.04 36.85
N PRO F 116 37.53 -3.88 37.40
CA PRO F 116 38.58 -2.85 37.54
C PRO F 116 39.68 -3.30 38.51
N THR F 117 40.80 -2.55 38.48
CA THR F 117 41.92 -2.84 39.36
C THR F 117 41.65 -2.45 40.82
N THR F 118 40.70 -1.55 41.05
CA THR F 118 40.48 -1.02 42.39
C THR F 118 40.05 -2.15 43.33
N VAL F 119 40.59 -2.13 44.56
CA VAL F 119 40.57 -3.26 45.47
C VAL F 119 39.15 -3.75 45.76
N ALA F 120 38.31 -2.90 46.34
CA ALA F 120 36.98 -3.34 46.76
C ALA F 120 35.93 -3.15 45.69
N SER F 121 36.35 -3.00 44.44
CA SER F 121 35.47 -2.54 43.39
C SER F 121 34.53 -3.66 42.95
N ARG F 122 33.26 -3.31 42.74
CA ARG F 122 32.31 -4.29 42.23
C ARG F 122 32.60 -4.59 40.76
N PRO F 123 32.24 -5.78 40.28
CA PRO F 123 32.47 -6.11 38.88
C PRO F 123 31.53 -5.35 37.96
N VAL F 124 31.89 -5.34 36.69
CA VAL F 124 31.05 -4.82 35.62
C VAL F 124 30.43 -6.02 34.91
N ILE F 125 29.10 -6.07 34.83
CA ILE F 125 28.42 -7.15 34.11
C ILE F 125 27.77 -6.57 32.85
N GLY F 126 27.69 -7.41 31.80
CA GLY F 126 27.04 -7.00 30.58
C GLY F 126 26.50 -8.17 29.79
N ILE F 127 25.57 -7.86 28.87
CA ILE F 127 24.95 -8.86 28.01
C ILE F 127 25.04 -8.41 26.56
N GLY F 128 25.34 -9.35 25.66
CA GLY F 128 25.42 -9.07 24.24
C GLY F 128 24.16 -9.55 23.50
N LEU F 129 23.63 -8.66 22.67
CA LEU F 129 22.53 -8.99 21.76
C LEU F 129 23.05 -8.65 20.37
N GLY F 130 23.41 -9.68 19.60
CA GLY F 130 23.94 -9.42 18.28
C GLY F 130 25.21 -8.60 18.36
N ASN F 131 25.21 -7.42 17.73
CA ASN F 131 26.43 -6.65 17.67
C ASN F 131 26.47 -5.61 18.81
N ASP F 132 25.49 -5.64 19.70
CA ASP F 132 25.32 -4.63 20.75
C ASP F 132 25.52 -5.28 22.11
N VAL F 133 26.29 -4.59 22.96
CA VAL F 133 26.55 -5.02 24.33
C VAL F 133 26.11 -3.92 25.28
N PHE F 134 25.36 -4.30 26.31
CA PHE F 134 24.82 -3.40 27.32
C PHE F 134 25.37 -3.82 28.68
N LEU F 135 26.06 -2.90 29.35
CA LEU F 135 26.74 -3.22 30.60
C LEU F 135 26.25 -2.30 31.71
N THR F 136 26.35 -2.78 32.95
CA THR F 136 26.02 -1.97 34.11
C THR F 136 27.12 -2.08 35.15
N ALA F 137 27.18 -1.06 36.00
CA ALA F 137 28.19 -1.01 37.06
C ALA F 137 27.65 -0.15 38.19
N HIS F 138 28.30 -0.27 39.35
CA HIS F 138 27.92 0.45 40.56
C HIS F 138 29.21 0.82 41.26
N ALA F 139 29.65 2.04 41.07
CA ALA F 139 30.93 2.45 41.64
C ALA F 139 30.82 2.58 43.16
N LEU F 140 31.98 2.58 43.82
CA LEU F 140 32.03 2.67 45.28
C LEU F 140 31.40 3.96 45.80
N ALA F 141 30.76 3.86 46.96
CA ALA F 141 29.96 4.93 47.53
C ALA F 141 30.77 6.16 47.94
N SER F 142 32.07 6.00 48.18
CA SER F 142 32.87 7.12 48.67
C SER F 142 33.42 7.96 47.51
N GLY F 143 32.50 8.51 46.71
CA GLY F 143 32.88 9.38 45.62
C GLY F 143 33.09 8.71 44.29
N GLY F 144 32.81 7.41 44.19
CA GLY F 144 33.07 6.66 42.97
C GLY F 144 34.52 6.77 42.52
N PRO F 145 35.48 6.45 43.39
CA PRO F 145 36.88 6.55 42.98
C PRO F 145 37.28 5.49 41.96
N ASP F 146 36.48 4.45 41.79
CA ASP F 146 36.72 3.44 40.76
C ASP F 146 35.97 3.74 39.46
N ALA F 147 35.28 4.89 39.36
CA ALA F 147 34.43 5.17 38.21
C ALA F 147 35.24 5.22 36.92
N ALA F 148 36.37 5.95 36.91
CA ALA F 148 37.18 5.99 35.70
C ALA F 148 37.73 4.60 35.38
N ALA F 149 38.15 3.85 36.41
CA ALA F 149 38.61 2.48 36.21
C ALA F 149 37.49 1.56 35.70
N ILE F 150 36.24 1.82 36.09
CA ILE F 150 35.10 1.10 35.48
C ILE F 150 35.09 1.35 33.97
N VAL F 151 35.22 2.61 33.57
CA VAL F 151 35.17 2.94 32.16
C VAL F 151 36.42 2.43 31.44
N ARG F 152 37.58 2.52 32.10
CA ARG F 152 38.83 2.13 31.47
C ARG F 152 38.84 0.64 31.11
N VAL F 153 38.50 -0.23 32.08
CA VAL F 153 38.53 -1.66 31.79
C VAL F 153 37.51 -1.99 30.71
N THR F 154 36.39 -1.26 30.65
CA THR F 154 35.40 -1.51 29.60
C THR F 154 35.95 -1.11 28.23
N ILE F 155 36.56 0.08 28.12
CA ILE F 155 37.18 0.49 26.86
C ILE F 155 38.19 -0.55 26.40
N ASN F 156 39.11 -0.93 27.28
CA ASN F 156 40.22 -1.77 26.89
C ASN F 156 39.78 -3.17 26.52
N PHE F 157 38.73 -3.68 27.17
CA PHE F 157 38.27 -5.02 26.85
C PHE F 157 37.70 -5.07 25.43
N PHE F 158 36.88 -4.09 25.07
CA PHE F 158 36.20 -4.11 23.78
C PHE F 158 37.01 -3.48 22.67
N ARG F 159 38.22 -3.02 22.93
CA ARG F 159 39.11 -2.63 21.85
C ARG F 159 40.05 -3.76 21.43
N GLN F 160 39.94 -4.94 22.04
CA GLN F 160 40.61 -6.12 21.51
C GLN F 160 40.13 -6.41 20.09
N PRO F 161 41.00 -6.98 19.24
CA PRO F 161 40.63 -7.16 17.84
C PRO F 161 39.36 -7.98 17.64
N GLN F 162 39.12 -9.00 18.46
CA GLN F 162 37.93 -9.82 18.27
C GLN F 162 36.67 -9.18 18.83
N MET F 163 36.78 -8.03 19.49
CA MET F 163 35.65 -7.39 20.12
C MET F 163 35.34 -6.05 19.50
N ARG F 164 36.17 -5.59 18.55
CA ARG F 164 36.06 -4.23 18.04
C ARG F 164 34.85 -4.03 17.16
N HIS F 165 34.25 -5.10 16.64
CA HIS F 165 33.03 -4.96 15.86
C HIS F 165 31.84 -4.52 16.70
N LEU F 166 31.89 -4.76 18.01
CA LEU F 166 30.73 -4.54 18.86
C LEU F 166 30.55 -3.08 19.21
N SER F 167 29.29 -2.62 19.22
CA SER F 167 28.89 -1.41 19.93
C SER F 167 28.59 -1.75 21.38
N TRP F 168 29.16 -0.99 22.31
CA TRP F 168 28.82 -1.19 23.71
C TRP F 168 28.35 0.11 24.34
N PHE F 169 27.49 -0.05 25.33
CA PHE F 169 26.93 1.05 26.12
C PHE F 169 26.87 0.62 27.57
N LEU F 170 27.39 1.47 28.44
CA LEU F 170 27.50 1.21 29.88
C LEU F 170 26.66 2.25 30.62
N ALA F 171 25.84 1.80 31.56
CA ALA F 171 25.07 2.73 32.38
C ALA F 171 24.96 2.20 33.80
N GLY F 172 24.91 3.11 34.76
CA GLY F 172 24.81 2.68 36.14
C GLY F 172 25.00 3.84 37.09
N ASP F 173 25.30 3.48 38.33
CA ASP F 173 25.53 4.43 39.41
C ASP F 173 27.03 4.60 39.54
N PHE F 174 27.53 5.73 39.03
CA PHE F 174 28.94 6.06 39.09
C PHE F 174 29.34 6.76 40.39
N ASN F 175 28.38 7.28 41.15
CA ASN F 175 28.65 7.95 42.42
C ASN F 175 29.64 9.11 42.25
N ARG F 176 29.66 9.69 41.07
CA ARG F 176 30.60 10.75 40.71
C ARG F 176 29.93 11.63 39.67
N SER F 177 30.07 12.94 39.84
CA SER F 177 29.60 13.91 38.87
C SER F 177 30.02 13.53 37.45
N PRO F 178 29.12 13.68 36.45
CA PRO F 178 29.55 13.46 35.06
C PRO F 178 30.70 14.37 34.62
N ASP F 179 30.67 15.66 35.01
CA ASP F 179 31.80 16.55 34.71
C ASP F 179 33.09 16.05 35.34
N ARG F 180 33.03 15.57 36.58
CA ARG F 180 34.24 15.07 37.21
C ARG F 180 34.72 13.79 36.51
N LEU F 181 33.78 12.93 36.09
CA LEU F 181 34.19 11.76 35.31
C LEU F 181 34.85 12.18 34.00
N GLU F 182 34.25 13.16 33.30
CA GLU F 182 34.85 13.68 32.07
C GLU F 182 36.29 14.14 32.28
N ASN F 183 36.56 14.89 33.35
CA ASN F 183 37.92 15.32 33.61
C ASN F 183 38.83 14.14 33.91
N ASP F 184 38.36 13.18 34.70
CA ASP F 184 39.15 11.98 34.91
C ASP F 184 39.49 11.31 33.57
N LEU F 185 38.49 11.19 32.67
CA LEU F 185 38.73 10.54 31.39
C LEU F 185 39.70 11.34 30.54
N MET F 186 39.58 12.67 30.57
CA MET F 186 40.53 13.52 29.86
C MET F 186 41.94 13.36 30.43
N THR F 187 42.05 13.26 31.75
CA THR F 187 43.34 13.00 32.36
C THR F 187 43.96 11.72 31.83
N GLU F 188 43.16 10.66 31.69
CA GLU F 188 43.67 9.36 31.27
C GLU F 188 43.72 9.22 29.76
N HIS F 189 43.59 10.32 29.03
CA HIS F 189 43.66 10.35 27.58
C HIS F 189 42.59 9.44 26.97
N LEU F 190 41.40 9.45 27.56
CA LEU F 190 40.27 8.66 27.09
C LEU F 190 39.06 9.50 26.72
N GLU F 191 39.13 10.82 26.83
CA GLU F 191 37.94 11.64 26.62
C GLU F 191 37.47 11.63 25.18
N ARG F 192 38.32 11.23 24.25
CA ARG F 192 38.00 11.25 22.83
C ARG F 192 37.53 9.87 22.33
N VAL F 193 37.49 8.88 23.21
CA VAL F 193 37.14 7.50 22.88
C VAL F 193 35.69 7.17 23.27
N VAL F 194 35.16 7.85 24.28
CA VAL F 194 33.82 7.57 24.80
C VAL F 194 33.11 8.90 25.04
N ALA F 195 31.78 8.85 25.05
CA ALA F 195 30.97 10.01 25.37
C ALA F 195 30.13 9.73 26.62
N VAL F 196 30.19 10.66 27.57
CA VAL F 196 29.41 10.58 28.80
C VAL F 196 28.03 11.16 28.52
N LEU F 197 26.99 10.37 28.75
CA LEU F 197 25.62 10.77 28.48
C LEU F 197 24.87 10.84 29.81
N ALA F 198 24.55 12.06 30.24
CA ALA F 198 24.00 12.30 31.56
C ALA F 198 22.88 13.32 31.47
N PRO F 199 21.84 13.17 32.29
CA PRO F 199 20.77 14.18 32.32
C PRO F 199 21.24 15.47 32.96
N THR F 200 20.47 16.53 32.73
CA THR F 200 20.75 17.83 33.33
C THR F 200 20.26 17.96 34.77
N GLU F 201 19.40 17.05 35.24
CA GLU F 201 18.78 17.14 36.56
C GLU F 201 19.38 16.11 37.52
N PRO F 202 19.35 16.37 38.82
CA PRO F 202 19.92 15.41 39.78
C PRO F 202 19.26 14.04 39.65
N THR F 203 20.05 12.98 39.93
CA THR F 203 19.52 11.60 39.85
C THR F 203 19.38 10.89 41.21
N GLN F 204 19.99 11.42 42.24
CA GLN F 204 19.64 11.16 43.62
C GLN F 204 19.10 12.35 44.39
N ILE F 205 18.19 12.03 45.33
CA ILE F 205 17.39 12.98 46.08
C ILE F 205 18.26 13.99 46.85
N GLY F 206 19.45 13.60 47.27
CA GLY F 206 20.33 14.62 47.86
C GLY F 206 20.79 15.69 46.89
N GLY F 207 20.61 15.47 45.60
CA GLY F 207 21.19 16.30 44.57
C GLY F 207 22.39 15.63 43.94
N GLY F 208 22.76 16.11 42.77
CA GLY F 208 23.92 15.54 42.14
C GLY F 208 23.54 14.46 41.14
N ILE F 209 24.28 14.43 40.05
CA ILE F 209 23.99 13.53 38.94
C ILE F 209 24.91 12.33 39.11
N LEU F 210 24.33 11.21 39.58
CA LEU F 210 25.12 10.02 39.89
C LEU F 210 24.84 8.85 38.98
N ASP F 211 23.70 8.84 38.29
CA ASP F 211 23.28 7.74 37.44
C ASP F 211 23.19 8.24 36.01
N TYR F 212 23.98 7.64 35.12
CA TYR F 212 24.07 8.09 33.74
C TYR F 212 24.77 7.01 32.93
N GLY F 213 25.17 7.37 31.70
CA GLY F 213 25.65 6.40 30.75
C GLY F 213 26.95 6.82 30.10
N VAL F 214 27.65 5.84 29.56
CA VAL F 214 28.88 6.02 28.77
C VAL F 214 28.78 5.14 27.52
N ILE F 215 29.01 5.73 26.36
CA ILE F 215 28.92 5.00 25.07
C ILE F 215 30.23 5.15 24.27
N VAL F 216 30.62 4.13 23.53
CA VAL F 216 31.83 4.20 22.67
C VAL F 216 31.52 5.12 21.50
N ASP F 217 32.42 6.01 21.14
CA ASP F 217 32.17 6.95 20.01
C ASP F 217 32.05 6.16 18.70
N ARG F 218 32.80 5.07 18.57
CA ARG F 218 32.84 4.24 17.37
C ARG F 218 31.52 3.52 17.12
N ALA F 219 30.63 3.44 18.10
CA ALA F 219 29.34 2.80 17.85
C ALA F 219 28.59 3.63 16.82
N PRO F 220 28.09 3.01 15.75
CA PRO F 220 27.35 3.79 14.74
C PRO F 220 26.12 4.47 15.34
N TYR F 221 25.96 5.75 14.99
CA TYR F 221 24.88 6.61 15.46
C TYR F 221 24.87 6.72 16.99
N SER F 222 26.04 6.61 17.63
CA SER F 222 26.14 6.82 19.06
C SER F 222 25.70 8.22 19.47
N GLN F 223 25.89 9.21 18.58
CA GLN F 223 25.51 10.58 18.86
C GLN F 223 24.00 10.77 18.98
N ARG F 224 23.19 9.77 18.61
CA ARG F 224 21.74 9.93 18.71
C ARG F 224 21.24 9.65 20.11
N VAL F 225 22.01 8.96 20.93
CA VAL F 225 21.51 8.50 22.23
C VAL F 225 21.60 9.65 23.22
N GLU F 226 20.46 9.98 23.83
CA GLU F 226 20.33 11.10 24.74
C GLU F 226 19.90 10.57 26.12
N ALA F 227 20.48 11.12 27.17
CA ALA F 227 20.11 10.77 28.54
C ALA F 227 18.95 11.66 29.03
N LEU F 228 17.92 11.02 29.57
CA LEU F 228 16.69 11.70 29.99
C LEU F 228 16.26 11.11 31.33
N ARG F 229 16.13 11.96 32.34
CA ARG F 229 15.68 11.48 33.64
C ARG F 229 14.21 11.11 33.58
N ASN F 230 13.88 9.96 34.16
CA ASN F 230 12.51 9.51 34.37
C ASN F 230 11.97 10.12 35.66
N PRO F 231 10.69 10.51 35.70
CA PRO F 231 10.19 11.20 36.90
C PRO F 231 9.94 10.28 38.09
N GLN F 232 10.03 8.96 37.91
CA GLN F 232 9.64 8.03 38.95
C GLN F 232 10.46 8.27 40.22
N LEU F 233 9.87 7.99 41.37
CA LEU F 233 10.68 8.26 42.55
C LEU F 233 10.26 7.21 43.58
N ALA F 234 10.56 5.95 43.29
CA ALA F 234 10.32 4.85 44.22
C ALA F 234 11.55 4.47 45.02
N SER F 235 12.68 5.15 44.81
CA SER F 235 13.86 4.97 45.65
C SER F 235 14.55 6.32 45.78
N ASP F 236 15.72 6.32 46.41
CA ASP F 236 16.53 7.52 46.49
C ASP F 236 17.08 7.95 45.13
N HIS F 237 16.95 7.13 44.09
CA HIS F 237 17.48 7.42 42.77
C HIS F 237 16.36 7.50 41.74
N TYR F 238 16.44 8.50 40.87
CA TYR F 238 15.58 8.51 39.69
C TYR F 238 16.14 7.54 38.64
N PRO F 239 15.26 6.91 37.85
CA PRO F 239 15.73 6.21 36.67
C PRO F 239 16.15 7.19 35.60
N VAL F 240 17.12 6.78 34.78
CA VAL F 240 17.61 7.60 33.69
C VAL F 240 17.50 6.80 32.40
N ALA F 241 16.73 7.32 31.44
CA ALA F 241 16.53 6.67 30.16
C ALA F 241 17.57 7.15 29.14
N PHE F 242 17.86 6.29 28.17
CA PHE F 242 18.79 6.59 27.08
C PHE F 242 18.06 6.25 25.78
N LEU F 243 17.63 7.29 25.09
CA LEU F 243 16.71 7.18 23.97
C LEU F 243 17.25 7.92 22.77
N ALA F 244 17.01 7.33 21.59
CA ALA F 244 17.41 7.95 20.35
C ALA F 244 16.64 9.25 20.15
N ARG F 245 17.34 10.30 19.77
CA ARG F 245 16.69 11.55 19.42
C ARG F 245 15.89 11.39 18.13
N SER F 246 14.87 12.23 18.00
CA SER F 246 14.13 12.23 16.74
C SER F 246 15.11 12.57 15.63
N CYS F 247 14.92 11.93 14.48
CA CYS F 247 15.85 12.16 13.39
C CYS F 247 15.66 13.54 12.78
N LEU F 248 14.43 13.84 12.34
CA LEU F 248 13.95 15.20 12.07
C LEU F 248 12.55 15.15 11.48
N VAL G 1 15.16 -14.57 1.48
CA VAL G 1 15.97 -13.94 0.45
C VAL G 1 17.37 -13.66 1.01
N ASP G 2 18.38 -13.66 0.15
CA ASP G 2 19.76 -13.47 0.61
C ASP G 2 20.18 -12.01 0.60
N PHE G 3 19.79 -11.27 -0.44
CA PHE G 3 20.20 -9.90 -0.65
C PHE G 3 18.99 -9.02 -0.93
N VAL G 4 18.99 -7.84 -0.31
CA VAL G 4 17.96 -6.83 -0.49
C VAL G 4 18.67 -5.52 -0.81
N TYR G 5 17.88 -4.47 -1.11
CA TYR G 5 18.42 -3.24 -1.66
C TYR G 5 17.68 -2.02 -1.13
N ARG G 6 18.41 -0.89 -1.09
CA ARG G 6 17.85 0.43 -0.83
C ARG G 6 18.58 1.42 -1.72
N VAL G 7 17.93 2.55 -1.96
CA VAL G 7 18.52 3.66 -2.71
C VAL G 7 18.78 4.79 -1.71
N ASP G 8 19.93 5.45 -1.86
CA ASP G 8 20.24 6.60 -1.03
C ASP G 8 21.10 7.56 -1.85
N SER G 9 21.04 8.84 -1.49
CA SER G 9 21.92 9.85 -2.05
C SER G 9 23.21 10.02 -1.25
N THR G 10 23.24 9.53 -0.02
CA THR G 10 24.48 9.52 0.74
C THR G 10 25.52 8.65 0.04
N PRO G 11 26.73 9.15 -0.14
CA PRO G 11 27.75 8.43 -0.93
C PRO G 11 28.30 7.23 -0.18
N PRO G 12 28.95 6.30 -0.89
CA PRO G 12 29.39 5.06 -0.23
C PRO G 12 30.41 5.26 0.89
N ASP G 13 31.27 6.26 0.81
CA ASP G 13 32.25 6.46 1.88
C ASP G 13 31.58 6.81 3.20
N VAL G 14 30.36 7.32 3.17
CA VAL G 14 29.61 7.57 4.40
C VAL G 14 28.78 6.36 4.80
N ILE G 15 28.04 5.76 3.87
CA ILE G 15 27.18 4.64 4.22
C ILE G 15 28.02 3.46 4.69
N PHE G 16 29.16 3.20 4.03
CA PHE G 16 30.03 2.09 4.44
C PHE G 16 30.65 2.32 5.81
N ARG G 17 30.63 3.56 6.30
CA ARG G 17 31.10 3.88 7.63
C ARG G 17 30.00 3.78 8.69
N ASP G 18 28.77 4.22 8.39
CA ASP G 18 27.72 4.33 9.40
C ASP G 18 26.62 3.30 9.28
N GLY G 19 26.36 2.79 8.09
CA GLY G 19 25.17 1.99 7.88
C GLY G 19 23.92 2.86 7.83
N PHE G 20 22.77 2.20 8.01
CA PHE G 20 21.47 2.86 7.98
C PHE G 20 20.81 2.77 9.35
N SER G 21 20.19 3.86 9.78
CA SER G 21 19.68 3.95 11.15
C SER G 21 18.15 4.09 11.13
N LEU G 22 17.50 3.58 12.18
CA LEU G 22 16.05 3.61 12.28
C LEU G 22 15.53 5.02 12.54
N LEU G 23 14.37 5.33 11.97
CA LEU G 23 13.78 6.64 12.23
C LEU G 23 13.44 6.81 13.72
N GLY G 24 12.89 5.77 14.34
CA GLY G 24 12.40 5.91 15.70
C GLY G 24 12.08 4.59 16.39
N TYR G 25 11.10 4.63 17.31
CA TYR G 25 10.72 3.46 18.09
C TYR G 25 9.34 2.91 17.70
N ASN G 26 8.69 3.45 16.67
CA ASN G 26 7.30 3.09 16.36
C ASN G 26 7.23 1.71 15.73
N ARG G 27 6.79 0.73 16.52
CA ARG G 27 6.67 -0.66 16.12
C ARG G 27 5.37 -0.97 15.37
N ASN G 28 4.43 -0.02 15.26
CA ASN G 28 3.11 -0.31 14.67
C ASN G 28 3.24 -0.79 13.23
N PHE G 29 2.80 -2.03 12.97
CA PHE G 29 3.03 -2.64 11.65
C PHE G 29 2.25 -1.94 10.55
N GLN G 30 0.93 -1.68 10.75
CA GLN G 30 0.20 -1.18 9.59
C GLN G 30 0.55 0.28 9.35
N GLN G 31 1.05 0.99 10.37
CA GLN G 31 1.53 2.34 10.14
C GLN G 31 2.80 2.33 9.30
N PHE G 32 3.61 1.29 9.43
CA PHE G 32 4.78 1.18 8.59
C PHE G 32 4.40 0.84 7.14
N ILE G 33 3.58 -0.21 6.92
CA ILE G 33 3.29 -0.62 5.53
C ILE G 33 2.58 0.49 4.77
N SER G 34 1.78 1.31 5.47
CA SER G 34 1.05 2.40 4.84
C SER G 34 1.88 3.65 4.68
N GLY G 35 3.12 3.65 5.16
CA GLY G 35 3.97 4.81 5.11
C GLY G 35 3.67 5.87 6.17
N ARG G 36 2.70 5.64 7.06
CA ARG G 36 2.34 6.69 8.02
C ARG G 36 3.36 6.89 9.13
N SER G 37 4.16 5.87 9.47
CA SER G 37 5.26 6.06 10.39
C SER G 37 6.59 6.37 9.68
N CYS G 38 6.57 6.55 8.35
CA CYS G 38 7.75 6.83 7.54
C CYS G 38 7.84 8.35 7.29
N SER G 39 8.66 8.76 6.32
CA SER G 39 9.13 10.15 6.28
C SER G 39 8.00 11.13 5.98
N GLY G 40 6.97 10.71 5.25
CA GLY G 40 5.84 11.58 5.01
C GLY G 40 4.80 11.60 6.10
N GLY G 41 5.05 10.91 7.21
CA GLY G 41 4.09 10.83 8.30
C GLY G 41 4.74 11.15 9.62
N SER G 42 4.54 10.29 10.63
CA SER G 42 5.11 10.54 11.94
C SER G 42 6.62 10.32 11.96
N SER G 43 7.19 9.71 10.92
CA SER G 43 8.64 9.67 10.70
C SER G 43 9.38 9.17 11.94
N ASP G 44 8.90 8.05 12.49
CA ASP G 44 9.48 7.50 13.70
C ASP G 44 9.48 5.97 13.67
N SER G 45 9.42 5.40 12.47
CA SER G 45 9.31 3.95 12.32
C SER G 45 10.52 3.26 12.92
N ARG G 46 10.27 2.14 13.59
CA ARG G 46 11.30 1.26 14.11
C ARG G 46 11.68 0.17 13.10
N TYR G 47 11.60 0.47 11.81
CA TYR G 47 11.89 -0.50 10.76
C TYR G 47 12.58 0.22 9.62
N ILE G 48 13.42 -0.51 8.88
CA ILE G 48 13.99 -0.05 7.63
C ILE G 48 13.42 -0.93 6.53
N ALA G 49 12.78 -0.32 5.54
CA ALA G 49 12.27 -1.05 4.38
C ALA G 49 13.39 -1.34 3.39
N THR G 50 13.47 -2.59 2.94
CA THR G 50 14.34 -2.97 1.85
C THR G 50 13.53 -3.78 0.85
N THR G 51 14.00 -3.86 -0.39
CA THR G 51 13.32 -4.66 -1.41
C THR G 51 14.28 -5.68 -1.98
N SER G 52 13.73 -6.83 -2.41
CA SER G 52 14.52 -7.84 -3.11
C SER G 52 14.66 -7.55 -4.59
N SER G 53 13.95 -6.54 -5.11
CA SER G 53 13.88 -6.24 -6.54
C SER G 53 14.88 -5.17 -6.95
N VAL G 54 15.81 -5.51 -7.83
CA VAL G 54 16.69 -4.48 -8.37
C VAL G 54 15.90 -3.50 -9.22
N ASN G 55 14.93 -3.99 -9.98
CA ASN G 55 14.15 -3.12 -10.85
C ASN G 55 13.43 -2.05 -10.06
N GLN G 56 12.97 -2.38 -8.84
CA GLN G 56 12.31 -1.36 -8.04
C GLN G 56 13.24 -0.20 -7.74
N THR G 57 14.53 -0.49 -7.51
CA THR G 57 15.47 0.57 -7.18
C THR G 57 15.69 1.48 -8.38
N TYR G 58 15.60 0.94 -9.60
CA TYR G 58 15.63 1.79 -10.78
C TYR G 58 14.45 2.76 -10.76
N ALA G 59 13.26 2.25 -10.42
CA ALA G 59 12.06 3.09 -10.33
C ALA G 59 12.20 4.14 -9.24
N ILE G 60 12.79 3.78 -8.09
CA ILE G 60 13.00 4.78 -7.04
C ILE G 60 13.90 5.91 -7.54
N ALA G 61 15.00 5.56 -8.21
CA ALA G 61 15.95 6.56 -8.66
C ALA G 61 15.35 7.44 -9.76
N ARG G 62 14.65 6.84 -10.71
CA ARG G 62 13.95 7.63 -11.72
C ARG G 62 13.00 8.65 -11.06
N ALA G 63 12.27 8.24 -10.02
CA ALA G 63 11.33 9.17 -9.39
C ALA G 63 12.06 10.40 -8.81
N TYR G 64 13.31 10.22 -8.35
CA TYR G 64 14.06 11.37 -7.85
C TYR G 64 14.71 12.13 -9.01
N TYR G 65 15.38 11.41 -9.91
CA TYR G 65 16.04 12.04 -11.04
C TYR G 65 15.06 12.82 -11.91
N SER G 66 13.82 12.37 -11.99
CA SER G 66 12.87 13.03 -12.90
C SER G 66 12.42 14.39 -12.36
N ARG G 67 12.72 14.71 -11.11
CA ARG G 67 12.29 16.01 -10.54
C ARG G 67 13.31 17.10 -10.87
N SER G 68 12.81 18.21 -11.39
CA SER G 68 13.65 19.37 -11.78
C SER G 68 14.37 19.93 -10.56
N THR G 69 13.81 19.76 -9.37
CA THR G 69 14.41 20.34 -8.18
C THR G 69 15.39 19.41 -7.48
N PHE G 70 15.67 18.23 -8.03
CA PHE G 70 16.57 17.28 -7.40
C PHE G 70 17.98 17.41 -7.99
N LYS G 71 18.95 17.63 -7.10
CA LYS G 71 20.35 17.69 -7.46
C LYS G 71 21.13 16.67 -6.65
N GLY G 72 22.17 16.10 -7.25
CA GLY G 72 22.98 15.11 -6.58
C GLY G 72 22.81 13.72 -7.20
N ASN G 73 23.63 12.81 -6.70
CA ASN G 73 23.72 11.47 -7.25
C ASN G 73 22.99 10.47 -6.37
N LEU G 74 22.70 9.31 -6.94
CA LEU G 74 21.99 8.26 -6.24
C LEU G 74 22.75 6.95 -6.36
N TYR G 75 22.66 6.14 -5.29
CA TYR G 75 23.31 4.85 -5.21
C TYR G 75 22.32 3.77 -4.79
N ARG G 76 22.39 2.62 -5.44
CA ARG G 76 21.76 1.41 -4.94
C ARG G 76 22.73 0.69 -4.00
N TYR G 77 22.26 0.37 -2.79
CA TYR G 77 23.08 -0.33 -1.80
C TYR G 77 22.62 -1.79 -1.75
N GLN G 78 23.56 -2.71 -1.94
CA GLN G 78 23.24 -4.14 -1.85
C GLN G 78 23.52 -4.63 -0.44
N ILE G 79 22.52 -5.22 0.20
CA ILE G 79 22.53 -5.53 1.62
C ILE G 79 22.30 -7.02 1.81
N ARG G 80 23.19 -7.66 2.57
CA ARG G 80 22.99 -9.05 2.97
C ARG G 80 21.93 -9.10 4.07
N ALA G 81 20.90 -9.92 3.86
CA ALA G 81 19.83 -10.07 4.84
C ALA G 81 20.21 -11.14 5.86
N ASP G 82 19.81 -10.90 7.10
CA ASP G 82 20.09 -11.84 8.19
C ASP G 82 18.79 -12.02 8.97
N ASN G 83 18.91 -12.61 10.16
CA ASN G 83 17.73 -12.99 10.94
C ASN G 83 16.96 -11.80 11.48
N ASN G 84 17.44 -10.56 11.28
CA ASN G 84 16.69 -9.36 11.62
C ASN G 84 15.91 -8.77 10.45
N PHE G 85 15.85 -9.47 9.31
CA PHE G 85 15.10 -9.03 8.14
C PHE G 85 13.88 -9.94 7.98
N TYR G 86 12.68 -9.35 7.93
CA TYR G 86 11.44 -10.12 7.86
C TYR G 86 10.64 -9.80 6.60
N SER G 87 10.11 -10.82 5.94
CA SER G 87 9.11 -10.55 4.93
C SER G 87 7.80 -10.11 5.58
N LEU G 88 6.90 -9.54 4.79
CA LEU G 88 5.68 -9.01 5.37
C LEU G 88 4.64 -10.10 5.65
N LEU G 89 4.53 -11.11 4.78
CA LEU G 89 3.36 -11.99 4.82
C LEU G 89 3.15 -12.71 6.13
N PRO G 90 4.16 -13.30 6.78
CA PRO G 90 3.89 -13.96 8.08
C PRO G 90 3.35 -13.01 9.14
N SER G 91 3.78 -11.74 9.15
CA SER G 91 3.23 -10.78 10.09
C SER G 91 1.82 -10.34 9.70
N ILE G 92 1.56 -10.18 8.40
CA ILE G 92 0.18 -9.98 7.96
C ILE G 92 -0.69 -11.10 8.49
N THR G 93 -0.29 -12.36 8.25
CA THR G 93 -1.11 -13.48 8.70
C THR G 93 -1.30 -13.44 10.21
N TYR G 94 -0.20 -13.29 10.96
CA TYR G 94 -0.26 -13.32 12.42
C TYR G 94 -1.17 -12.23 12.96
N LEU G 95 -1.02 -11.00 12.46
CA LEU G 95 -1.82 -9.90 12.96
C LEU G 95 -3.30 -10.12 12.66
N GLU G 96 -3.62 -10.78 11.54
CA GLU G 96 -5.01 -11.12 11.27
C GLU G 96 -5.56 -12.11 12.29
N THR G 97 -4.72 -13.03 12.80
CA THR G 97 -5.22 -13.89 13.87
C THR G 97 -5.34 -13.16 15.19
N GLN G 98 -5.03 -11.87 15.23
CA GLN G 98 -5.26 -11.03 16.39
C GLN G 98 -6.42 -10.08 16.16
N GLY G 99 -7.23 -10.30 15.11
CA GLY G 99 -8.32 -9.41 14.80
C GLY G 99 -7.93 -8.18 14.02
N GLY G 100 -6.73 -8.15 13.44
CA GLY G 100 -6.35 -7.05 12.59
C GLY G 100 -6.87 -7.25 11.17
N HIS G 101 -7.19 -6.13 10.53
CA HIS G 101 -7.74 -6.12 9.19
C HIS G 101 -6.94 -5.17 8.31
N PHE G 102 -6.48 -5.67 7.16
CA PHE G 102 -5.87 -4.84 6.13
C PHE G 102 -6.81 -4.76 4.93
N ASN G 103 -7.09 -3.54 4.47
CA ASN G 103 -7.97 -3.40 3.32
C ASN G 103 -7.24 -3.78 2.04
N ALA G 104 -7.97 -3.81 0.92
CA ALA G 104 -7.40 -4.21 -0.37
C ALA G 104 -6.31 -3.26 -0.85
N TYR G 105 -6.40 -1.97 -0.52
CA TYR G 105 -5.34 -1.05 -0.90
C TYR G 105 -4.03 -1.43 -0.22
N GLU G 106 -4.10 -1.71 1.08
CA GLU G 106 -2.89 -2.03 1.84
C GLU G 106 -2.33 -3.37 1.42
N LYS G 107 -3.20 -4.35 1.19
CA LYS G 107 -2.72 -5.64 0.72
C LYS G 107 -2.09 -5.49 -0.66
N THR G 108 -2.70 -4.67 -1.51
CA THR G 108 -2.13 -4.42 -2.83
C THR G 108 -0.75 -3.80 -2.71
N MET G 109 -0.62 -2.74 -1.90
CA MET G 109 0.69 -2.12 -1.73
C MET G 109 1.72 -3.11 -1.22
N MET G 110 1.35 -3.94 -0.25
CA MET G 110 2.34 -4.79 0.38
C MET G 110 2.88 -5.83 -0.61
N ARG G 111 2.02 -6.45 -1.43
CA ARG G 111 2.62 -7.47 -2.30
C ARG G 111 3.40 -6.86 -3.45
N LEU G 112 3.15 -5.60 -3.82
CA LEU G 112 3.95 -5.00 -4.88
C LEU G 112 5.36 -4.62 -4.41
N GLN G 113 5.57 -4.46 -3.10
CA GLN G 113 6.83 -3.86 -2.64
C GLN G 113 7.99 -4.85 -2.72
N ARG G 114 7.71 -6.15 -2.63
CA ARG G 114 8.72 -7.19 -2.47
C ARG G 114 9.67 -6.81 -1.33
N GLU G 115 9.04 -6.57 -0.18
CA GLU G 115 9.62 -5.81 0.91
C GLU G 115 10.11 -6.72 2.01
N TYR G 116 11.32 -6.46 2.48
CA TYR G 116 11.86 -7.09 3.68
C TYR G 116 12.26 -5.97 4.65
N VAL G 117 11.78 -6.06 5.89
CA VAL G 117 12.01 -5.01 6.87
C VAL G 117 13.06 -5.45 7.87
N SER G 118 14.03 -4.58 8.13
CA SER G 118 15.00 -4.76 9.20
C SER G 118 14.43 -4.17 10.49
N THR G 119 14.40 -4.99 11.56
CA THR G 119 13.95 -4.52 12.87
C THR G 119 15.02 -3.79 13.64
N LEU G 120 16.27 -3.82 13.15
CA LEU G 120 17.42 -3.12 13.71
C LEU G 120 18.05 -2.24 12.64
N SER G 121 18.90 -1.31 13.10
CA SER G 121 19.75 -0.59 12.15
C SER G 121 20.56 -1.59 11.32
N ILE G 122 20.93 -1.16 10.12
CA ILE G 122 21.69 -2.01 9.21
C ILE G 122 23.14 -1.58 9.29
N LEU G 123 24.01 -2.50 9.71
CA LEU G 123 25.43 -2.24 9.92
C LEU G 123 26.20 -2.24 8.59
N PRO G 124 27.30 -1.50 8.51
CA PRO G 124 28.18 -1.61 7.34
C PRO G 124 28.61 -3.03 7.04
N GLU G 125 28.70 -3.88 8.06
CA GLU G 125 29.07 -5.28 7.87
C GLU G 125 28.11 -6.01 6.94
N ASN G 126 26.85 -5.56 6.86
CA ASN G 126 25.86 -6.19 5.97
C ASN G 126 25.85 -5.60 4.56
N ILE G 127 26.52 -4.47 4.33
CA ILE G 127 26.39 -3.74 3.07
C ILE G 127 27.54 -4.16 2.16
N GLN G 128 27.22 -4.92 1.12
CA GLN G 128 28.28 -5.51 0.30
C GLN G 128 28.89 -4.51 -0.68
N LYS G 129 28.04 -3.71 -1.34
CA LYS G 129 28.52 -2.76 -2.33
C LYS G 129 27.50 -1.65 -2.57
N ALA G 130 27.97 -0.63 -3.26
CA ALA G 130 27.17 0.49 -3.72
C ALA G 130 27.32 0.58 -5.23
N VAL G 131 26.21 0.81 -5.94
CA VAL G 131 26.20 0.97 -7.38
C VAL G 131 25.65 2.36 -7.68
N ALA G 132 26.50 3.24 -8.19
CA ALA G 132 26.01 4.54 -8.64
C ALA G 132 24.98 4.36 -9.75
N LEU G 133 23.91 5.14 -9.69
CA LEU G 133 22.85 5.11 -10.68
C LEU G 133 22.98 6.32 -11.60
N VAL G 134 23.07 6.06 -12.91
CA VAL G 134 23.23 7.10 -13.92
C VAL G 134 21.90 7.38 -14.61
N TYR G 135 21.51 8.65 -14.66
CA TYR G 135 20.27 9.08 -15.29
C TYR G 135 20.55 9.62 -16.69
N ASP G 136 19.84 9.07 -17.69
CA ASP G 136 19.85 9.58 -19.05
C ASP G 136 18.67 10.56 -19.24
N SER G 137 18.97 11.86 -19.34
CA SER G 137 17.91 12.85 -19.48
C SER G 137 17.10 12.67 -20.76
N ALA G 138 17.66 12.04 -21.78
CA ALA G 138 16.94 11.94 -23.04
C ALA G 138 15.95 10.80 -23.05
N THR G 139 16.25 9.70 -22.35
CA THR G 139 15.36 8.55 -22.32
C THR G 139 14.57 8.43 -21.03
N GLY G 140 15.00 9.11 -19.97
CA GLY G 140 14.47 8.93 -18.64
C GLY G 140 14.84 7.63 -17.95
N LEU G 141 15.77 6.86 -18.52
CA LEU G 141 16.21 5.59 -17.95
C LEU G 141 17.33 5.79 -16.94
N VAL G 142 17.40 4.85 -16.00
CA VAL G 142 18.46 4.79 -14.99
C VAL G 142 19.25 3.50 -15.22
N LYS G 143 20.56 3.62 -15.38
CA LYS G 143 21.44 2.48 -15.57
C LYS G 143 22.45 2.37 -14.42
N ASP G 144 23.13 1.23 -14.36
CA ASP G 144 24.21 1.06 -13.40
C ASP G 144 25.45 1.83 -13.89
N GLY G 145 26.00 2.68 -13.01
CA GLY G 145 27.29 3.30 -13.22
C GLY G 145 28.39 2.53 -12.49
N VAL G 146 29.30 3.24 -11.83
CA VAL G 146 30.42 2.62 -11.12
C VAL G 146 29.93 1.91 -9.86
N SER G 147 30.37 0.67 -9.67
CA SER G 147 30.16 -0.06 -8.43
C SER G 147 31.35 0.15 -7.49
N THR G 148 31.07 0.28 -6.20
CA THR G 148 32.12 0.35 -5.17
C THR G 148 31.89 -0.76 -4.16
N MET G 149 32.86 -1.67 -4.02
CA MET G 149 32.76 -2.74 -3.04
C MET G 149 33.17 -2.24 -1.64
N ASN G 150 32.42 -2.67 -0.62
CA ASN G 150 32.68 -2.27 0.76
C ASN G 150 33.69 -3.21 1.41
N ALA G 151 34.88 -2.71 1.69
CA ALA G 151 35.91 -3.53 2.34
C ALA G 151 35.49 -3.98 3.74
N SER G 152 34.58 -3.25 4.40
CA SER G 152 34.10 -3.64 5.73
C SER G 152 33.04 -4.75 5.68
N TYR G 153 32.60 -5.15 4.50
CA TYR G 153 31.53 -6.12 4.42
C TYR G 153 31.98 -7.48 4.94
N LEU G 154 31.09 -8.17 5.65
CA LEU G 154 31.37 -9.50 6.17
C LEU G 154 30.48 -10.50 5.44
N GLY G 155 31.10 -11.47 4.78
CA GLY G 155 30.36 -12.45 4.02
C GLY G 155 29.84 -13.56 4.89
N LEU G 156 29.08 -13.20 5.92
CA LEU G 156 28.52 -14.21 6.80
C LEU G 156 27.46 -15.02 6.07
N SER G 157 27.27 -16.26 6.52
CA SER G 157 26.29 -17.14 5.89
C SER G 157 24.97 -16.99 6.65
N THR G 158 24.25 -15.94 6.30
CA THR G 158 22.94 -15.63 6.85
C THR G 158 21.94 -15.50 5.71
N THR G 159 20.67 -15.44 6.06
CA THR G 159 19.60 -15.20 5.10
C THR G 159 18.46 -14.54 5.87
N SER G 160 17.42 -14.13 5.15
CA SER G 160 16.35 -13.40 5.82
C SER G 160 15.54 -14.32 6.73
N ASN G 161 14.88 -13.71 7.71
CA ASN G 161 14.08 -14.45 8.68
C ASN G 161 12.74 -14.82 8.07
N PRO G 162 12.36 -16.10 8.04
CA PRO G 162 11.09 -16.50 7.43
C PRO G 162 9.88 -16.41 8.36
N GLY G 163 10.06 -15.92 9.59
CA GLY G 163 9.00 -15.89 10.57
C GLY G 163 8.37 -14.52 10.75
N VAL G 164 7.69 -14.37 11.89
CA VAL G 164 6.92 -13.17 12.26
C VAL G 164 7.84 -12.16 12.93
N ILE G 165 7.58 -10.89 12.69
CA ILE G 165 8.32 -9.84 13.41
C ILE G 165 8.03 -9.97 14.90
N PRO G 166 9.03 -9.92 15.78
CA PRO G 166 8.75 -10.00 17.23
C PRO G 166 8.29 -8.67 17.79
N PHE G 167 7.57 -8.77 18.92
CA PHE G 167 7.13 -7.59 19.69
C PHE G 167 6.16 -6.74 18.90
N LEU G 168 5.42 -7.36 17.99
CA LEU G 168 4.47 -6.61 17.18
C LEU G 168 3.37 -6.06 18.08
N PRO G 169 3.09 -4.75 18.02
CA PRO G 169 1.94 -4.23 18.75
C PRO G 169 0.66 -4.93 18.30
N GLU G 170 -0.26 -5.08 19.22
CA GLU G 170 -1.52 -5.69 18.91
C GLU G 170 -2.31 -4.74 18.01
N PRO G 171 -2.95 -5.25 16.95
CA PRO G 171 -3.50 -4.35 15.93
C PRO G 171 -4.58 -3.44 16.50
N GLN G 172 -4.55 -2.19 16.06
CA GLN G 172 -5.56 -1.23 16.49
C GLN G 172 -6.88 -1.50 15.76
N THR G 173 -7.94 -0.84 16.21
CA THR G 173 -9.22 -0.95 15.53
C THR G 173 -9.09 -0.44 14.10
N TYR G 174 -9.70 -1.16 13.16
CA TYR G 174 -9.52 -0.85 11.76
C TYR G 174 -10.00 0.57 11.46
N THR G 175 -9.27 1.25 10.58
CA THR G 175 -9.56 2.60 10.14
C THR G 175 -9.01 2.74 8.72
N GLN G 176 -9.77 3.38 7.84
CA GLN G 176 -9.24 3.73 6.53
C GLN G 176 -8.23 4.85 6.65
N GLN G 177 -7.06 4.66 6.05
CA GLN G 177 -5.99 5.61 6.24
C GLN G 177 -5.25 5.85 4.93
N ARG G 178 -4.71 7.06 4.79
CA ARG G 178 -3.89 7.41 3.64
C ARG G 178 -2.70 6.46 3.53
N ILE G 179 -2.34 6.11 2.30
CA ILE G 179 -1.18 5.28 2.00
C ILE G 179 -0.22 6.11 1.18
N ASP G 180 0.92 6.50 1.77
CA ASP G 180 1.89 7.32 1.07
C ASP G 180 2.66 6.49 0.04
N ALA G 181 2.77 7.00 -1.17
CA ALA G 181 3.46 6.30 -2.24
C ALA G 181 4.12 7.33 -3.14
N PHE G 182 5.08 6.85 -3.93
CA PHE G 182 5.68 7.66 -4.97
C PHE G 182 6.05 6.71 -6.10
N GLY G 183 6.34 7.29 -7.26
CA GLY G 183 6.63 6.51 -8.44
C GLY G 183 5.57 5.46 -8.74
N PRO G 184 5.96 4.38 -9.38
CA PRO G 184 4.96 3.33 -9.71
C PRO G 184 4.54 2.52 -8.49
N LEU G 185 3.70 3.12 -7.64
CA LEU G 185 3.18 2.47 -6.44
C LEU G 185 4.31 1.96 -5.52
N ILE G 186 5.31 2.79 -5.30
CA ILE G 186 6.40 2.46 -4.36
C ILE G 186 6.05 3.03 -3.00
N SER G 187 6.12 2.19 -1.98
CA SER G 187 5.87 2.64 -0.61
C SER G 187 6.81 3.76 -0.21
N SER G 188 6.27 4.75 0.52
CA SER G 188 7.07 5.90 0.94
C SER G 188 8.24 5.52 1.85
N CYS G 189 8.16 4.38 2.55
CA CYS G 189 9.27 3.94 3.39
C CYS G 189 10.54 3.64 2.60
N PHE G 190 10.45 3.52 1.28
CA PHE G 190 11.62 3.39 0.43
C PHE G 190 12.23 4.74 0.07
N SER G 191 11.66 5.84 0.53
CA SER G 191 12.26 7.12 0.21
C SER G 191 13.53 7.31 1.03
N ILE G 192 14.41 8.20 0.56
CA ILE G 192 15.71 8.37 1.20
C ILE G 192 15.56 8.84 2.63
N GLY G 193 14.59 9.74 2.87
CA GLY G 193 14.36 10.26 4.21
C GLY G 193 13.72 9.29 5.16
N SER G 194 13.45 8.06 4.75
CA SER G 194 12.82 7.09 5.64
C SER G 194 13.83 6.25 6.41
N VAL G 195 15.11 6.56 6.29
CA VAL G 195 16.12 6.09 7.24
C VAL G 195 16.77 7.34 7.82
N CYS G 196 17.26 7.22 9.06
CA CYS G 196 17.90 8.35 9.73
C CYS G 196 19.31 8.56 9.19
N HIS G 197 19.64 9.81 8.88
CA HIS G 197 20.96 10.13 8.34
C HIS G 197 21.81 10.86 9.38
N SER G 198 23.08 11.07 9.02
CA SER G 198 24.06 11.69 9.91
C SER G 198 23.64 13.08 10.39
N VAL G 206 19.47 16.05 2.41
CA VAL G 206 18.69 15.00 1.77
C VAL G 206 17.42 15.60 1.17
N TYR G 207 17.23 15.41 -0.12
CA TYR G 207 16.01 15.84 -0.78
C TYR G 207 14.82 15.06 -0.22
N ASN G 208 13.76 15.78 0.16
CA ASN G 208 12.59 15.19 0.79
C ASN G 208 11.49 15.03 -0.26
N MET G 209 11.40 13.83 -0.82
CA MET G 209 10.39 13.50 -1.83
C MET G 209 8.98 13.73 -1.27
N SER G 210 8.05 14.08 -2.16
CA SER G 210 6.65 14.20 -1.79
C SER G 210 5.90 12.96 -2.24
N PHE G 211 4.83 12.63 -1.52
CA PHE G 211 4.05 11.43 -1.78
C PHE G 211 2.59 11.77 -2.05
N TYR G 212 1.95 10.91 -2.82
CA TYR G 212 0.51 10.91 -3.02
C TYR G 212 -0.14 9.78 -2.21
N ASP G 213 -1.48 9.78 -2.18
CA ASP G 213 -2.28 8.70 -1.61
C ASP G 213 -2.46 7.61 -2.66
N ALA G 214 -1.96 6.41 -2.38
CA ALA G 214 -2.03 5.33 -3.35
C ALA G 214 -3.45 4.80 -3.53
N ARG G 215 -4.34 5.02 -2.55
CA ARG G 215 -5.66 4.43 -2.63
C ARG G 215 -6.43 4.78 -3.89
N PRO G 216 -6.56 6.05 -4.29
CA PRO G 216 -7.36 6.35 -5.49
C PRO G 216 -6.80 5.72 -6.75
N VAL G 217 -5.47 5.74 -6.93
CA VAL G 217 -4.83 5.10 -8.08
C VAL G 217 -5.12 3.60 -8.10
N ILE G 218 -4.95 2.95 -6.95
CA ILE G 218 -5.21 1.51 -6.91
C ILE G 218 -6.68 1.26 -7.21
N GLU G 219 -7.55 2.13 -6.70
CA GLU G 219 -8.99 1.98 -6.94
C GLU G 219 -9.30 2.03 -8.43
N LEU G 220 -8.59 2.90 -9.17
CA LEU G 220 -8.85 3.03 -10.60
C LEU G 220 -8.48 1.75 -11.35
N ILE G 221 -7.29 1.19 -11.07
CA ILE G 221 -6.88 -0.01 -11.80
C ILE G 221 -7.63 -1.24 -11.34
N LEU G 222 -8.27 -1.19 -10.17
CA LEU G 222 -9.17 -2.26 -9.74
C LEU G 222 -10.59 -2.13 -10.26
N SER G 223 -10.97 -1.01 -10.89
CA SER G 223 -12.38 -0.89 -11.23
C SER G 223 -12.55 -0.77 -12.74
N LYS G 224 -13.64 -0.13 -13.17
CA LYS G 224 -14.06 0.06 -14.58
C LYS G 224 -13.46 -0.94 -15.59
C1 PEG H . -5.47 24.52 -14.66
O1 PEG H . -6.26 23.38 -14.77
C2 PEG H . -5.97 25.52 -15.68
O2 PEG H . -7.27 25.84 -15.33
C3 PEG H . -8.01 25.78 -16.51
C4 PEG H . -9.36 25.18 -16.17
O4 PEG H . -10.33 25.96 -16.82
C ACN I . -13.45 13.33 -15.51
O ACN I . -12.61 12.97 -16.29
C1 ACN I . -13.99 12.39 -14.41
C2 ACN I . -14.02 14.73 -15.61
C ACN J . -0.51 26.01 -10.85
O ACN J . 0.47 25.42 -10.53
C1 ACN J . -0.45 27.05 -11.96
C2 ACN J . -1.85 25.71 -10.16
C1 GOL K . -29.36 24.06 -27.11
O1 GOL K . -30.71 23.72 -27.29
C2 GOL K . -28.91 25.32 -27.89
O2 GOL K . -29.27 25.32 -29.25
C3 GOL K . -27.40 25.56 -27.69
O3 GOL K . -27.16 26.25 -26.51
C1 PEG L . -39.58 12.89 -12.77
O1 PEG L . -39.46 13.19 -11.41
C2 PEG L . -39.49 14.17 -13.61
O2 PEG L . -38.25 14.23 -14.27
C3 PEG L . -38.35 14.27 -15.67
C4 PEG L . -38.70 12.88 -16.23
O4 PEG L . -38.77 12.92 -17.64
C ACN M . -37.87 9.57 -9.56
O ACN M . -37.77 9.10 -10.66
C1 ACN M . -38.64 10.87 -9.35
C2 ACN M . -37.20 8.86 -8.40
C ACN N . -18.66 17.55 9.02
O ACN N . -17.62 17.30 8.49
C1 ACN N . -18.74 17.75 10.54
C2 ACN N . -19.94 17.69 8.22
C ACN O . -13.47 24.96 5.36
O ACN O . -13.59 24.64 4.21
C1 ACN O . -13.96 26.34 5.83
C2 ACN O . -12.83 23.99 6.37
C ACN P . -7.84 18.98 -4.10
O ACN P . -8.41 18.45 -5.00
C1 ACN P . -8.22 18.66 -2.66
C2 ACN P . -6.71 19.97 -4.41
C1 GOL Q . -23.99 14.71 3.56
O1 GOL Q . -23.23 13.60 3.21
C2 GOL Q . -25.39 14.30 3.97
O2 GOL Q . -25.31 13.56 5.16
C3 GOL Q . -26.05 13.46 2.86
O3 GOL Q . -27.28 12.95 3.30
C1 GOL R . -25.74 29.85 -6.08
O1 GOL R . -26.35 28.60 -6.28
C2 GOL R . -24.55 29.90 -7.03
O2 GOL R . -25.02 29.44 -8.25
C3 GOL R . -24.03 31.33 -7.14
O3 GOL R . -23.31 31.64 -5.99
C ACN S . -10.98 -23.17 -26.91
O ACN S . -10.61 -24.23 -26.54
C1 ACN S . -10.16 -21.91 -26.57
C2 ACN S . -12.26 -23.09 -27.74
C1 GOL T . -15.52 -26.15 -26.78
O1 GOL T . -14.21 -25.64 -26.68
C2 GOL T . -16.43 -25.53 -25.73
O2 GOL T . -17.34 -24.62 -26.34
C3 GOL T . -17.19 -26.63 -24.97
O3 GOL T . -18.41 -26.17 -24.46
C1 GOL U . 1.10 -21.80 -13.68
O1 GOL U . 0.04 -21.17 -14.35
C2 GOL U . 1.67 -20.76 -12.74
O2 GOL U . 2.91 -21.19 -12.24
C3 GOL U . 0.68 -20.55 -11.60
O3 GOL U . 0.54 -19.17 -11.40
C1 PEG V . -5.21 -4.00 -40.77
O1 PEG V . -6.57 -4.16 -40.46
C2 PEG V . -4.69 -2.67 -40.22
O2 PEG V . -4.12 -1.81 -41.17
C3 PEG V . -4.98 -0.78 -41.62
C4 PEG V . -4.34 0.62 -41.58
O4 PEG V . -5.27 1.60 -41.99
C1 PEG W . 7.67 4.31 -27.42
O1 PEG W . 7.60 4.85 -28.71
C2 PEG W . 9.12 4.05 -27.02
O2 PEG W . 9.46 4.92 -25.98
C3 PEG W . 10.25 4.35 -24.98
C4 PEG W . 9.58 3.03 -24.57
O4 PEG W . 8.47 3.36 -23.77
C1 PEG X . 5.03 -23.98 -23.83
O1 PEG X . 5.18 -23.41 -22.56
C2 PEG X . 3.56 -24.29 -24.12
O2 PEG X . 3.46 -25.07 -25.28
C3 PEG X . 2.16 -25.19 -25.77
C4 PEG X . 2.06 -24.64 -27.19
O4 PEG X . 0.70 -24.49 -27.55
C ACN Y . -3.80 3.97 -22.06
O ACN Y . -3.15 4.58 -22.87
C1 ACN Y . -4.81 4.68 -21.17
C2 ACN Y . -3.63 2.45 -21.90
C ACN Z . -5.85 -7.44 -41.68
O ACN Z . -5.17 -7.16 -40.74
C1 ACN Z . -5.55 -6.79 -43.03
C2 ACN Z . -7.01 -8.42 -41.55
C1 PEG AA . -29.43 -2.91 12.53
O1 PEG AA . -28.17 -3.29 12.03
C2 PEG AA . -30.23 -2.19 11.46
O2 PEG AA . -31.23 -1.38 12.04
C3 PEG AA . -31.32 -0.10 11.50
C4 PEG AA . -30.66 0.92 12.42
O4 PEG AA . -30.84 2.22 11.91
C1 PEG BA . -15.72 3.36 8.77
O1 PEG BA . -15.43 3.92 10.04
C2 PEG BA . -16.83 4.07 8.06
O2 PEG BA . -16.88 3.68 6.69
C3 PEG BA . -16.89 4.79 5.80
C4 PEG BA . -18.22 4.86 5.16
O4 PEG BA . -18.45 3.83 4.25
C ACN CA . -33.29 -17.32 4.12
O ACN CA . -33.30 -17.92 3.10
C1 ACN CA . -33.34 -15.78 4.08
C2 ACN CA . -33.22 -18.07 5.45
C1 GOL DA . -37.82 -15.77 -9.17
O1 GOL DA . -36.58 -16.21 -8.67
C2 GOL DA . -37.76 -14.27 -9.44
O2 GOL DA . -37.41 -14.05 -10.78
C3 GOL DA . -39.14 -13.65 -9.15
O3 GOL DA . -39.05 -12.26 -8.97
C1 GOL EA . -21.61 -14.97 4.67
O1 GOL EA . -21.51 -16.20 4.04
C2 GOL EA . -20.30 -14.74 5.41
O2 GOL EA . -20.09 -15.73 6.36
C3 GOL EA . -20.35 -13.38 6.09
O3 GOL EA . -19.49 -12.59 5.31
CAC FLC FA . 4.72 0.70 19.96
CA FLC FA . 3.20 0.80 20.19
CB FLC FA . 2.64 2.14 19.71
CBC FLC FA . 3.23 3.27 20.56
CG FLC FA . 1.12 2.18 19.89
CGC FLC FA . 0.42 1.38 18.80
OA1 FLC FA . 5.38 -0.15 20.60
OA2 FLC FA . 5.32 1.45 19.14
OB1 FLC FA . 3.61 3.03 21.74
OB2 FLC FA . 3.31 4.43 20.07
OG1 FLC FA . 0.08 0.19 19.03
OG2 FLC FA . 0.18 1.92 17.68
OHB FLC FA . 3.05 2.35 18.38
C1 PEG GA . 10.51 6.78 29.22
O1 PEG GA . 10.96 5.59 28.64
C2 PEG GA . 11.63 7.38 30.06
O2 PEG GA . 11.26 8.63 30.58
C3 PEG GA . 12.00 9.71 30.08
C4 PEG GA . 11.20 11.00 30.27
O4 PEG GA . 11.76 12.02 29.47
C1 GOL HA . 7.69 3.98 21.27
O1 GOL HA . 7.52 2.59 21.25
C2 GOL HA . 6.41 4.76 20.91
O2 GOL HA . 6.52 6.03 21.50
C3 GOL HA . 6.24 4.91 19.39
O3 GOL HA . 6.83 6.09 18.94
C1 GOL IA . 31.21 -0.74 13.02
O1 GOL IA . 29.99 -1.33 12.67
C2 GOL IA . 31.81 -1.46 14.22
O2 GOL IA . 32.82 -2.33 13.77
C3 GOL IA . 32.38 -0.45 15.20
O3 GOL IA . 31.88 -0.71 16.49
CAC FLC JA . 11.95 -11.18 -9.41
CA FLC JA . 12.49 -10.16 -10.43
CB FLC JA . 13.60 -9.35 -9.78
CBC FLC JA . 14.16 -8.22 -10.65
CG FLC JA . 14.75 -10.30 -9.44
CGC FLC JA . 15.55 -9.74 -8.25
OA1 FLC JA . 12.33 -12.38 -9.45
OA2 FLC JA . 11.14 -10.81 -8.51
OB1 FLC JA . 14.89 -8.53 -11.64
OB2 FLC JA . 13.93 -7.01 -10.37
OG1 FLC JA . 15.41 -10.31 -7.13
OG2 FLC JA . 16.33 -8.73 -8.39
OHB FLC JA . 13.08 -8.75 -8.62
C1 PEG KA . -8.29 -9.36 2.12
O1 PEG KA . -8.01 -9.98 3.34
C2 PEG KA . -8.66 -7.88 2.33
O2 PEG KA . -9.71 -7.54 1.44
C3 PEG KA . -10.80 -6.90 2.04
C4 PEG KA . -10.53 -5.39 2.02
O4 PEG KA . -11.12 -4.72 3.10
C1 PEG LA . 26.15 -4.62 -9.95
O1 PEG LA . 27.17 -4.34 -9.03
C2 PEG LA . 26.80 -4.90 -11.31
O2 PEG LA . 26.53 -3.85 -12.21
C3 PEG LA . 26.87 -2.57 -11.75
C4 PEG LA . 28.04 -1.99 -12.55
O4 PEG LA . 28.63 -0.96 -11.82
C ACN MA . 1.47 7.27 -9.82
O ACN MA . 0.99 8.14 -9.18
C1 ACN MA . 2.64 7.58 -10.75
C2 ACN MA . 0.94 5.83 -9.76
C ACN NA . 5.22 6.06 -13.48
O ACN NA . 5.79 6.06 -14.52
C1 ACN NA . 5.69 6.99 -12.35
C2 ACN NA . 4.02 5.13 -13.29
C ACN OA . 14.22 -4.66 19.03
O ACN OA . 14.26 -3.65 18.38
C1 ACN OA . 14.38 -4.60 20.56
C2 ACN OA . 14.00 -6.01 18.33
C ACN PA . 4.82 -11.43 18.22
O ACN PA . 5.17 -10.43 17.68
C1 ACN PA . 4.82 -12.77 17.47
C2 ACN PA . 4.35 -11.41 19.68
C ACN QA . 4.96 -9.02 -7.57
O ACN QA . 4.65 -9.65 -8.54
C1 ACN QA . 5.04 -7.50 -7.66
C2 ACN QA . 5.27 -9.73 -6.25
C ACN RA . 8.84 18.86 -10.18
O ACN RA . 9.79 19.13 -9.52
C1 ACN RA . 7.55 19.71 -10.09
C2 ACN RA . 8.87 17.67 -11.14
#